data_6AZW
#
_entry.id   6AZW
#
_cell.length_a   85.206
_cell.length_b   92.555
_cell.length_c   128.698
_cell.angle_alpha   90.00
_cell.angle_beta   90.00
_cell.angle_gamma   90.00
#
_symmetry.space_group_name_H-M   'P 21 21 21'
#
loop_
_entity.id
_entity.type
_entity.pdbx_description
1 polymer 'Indoleamine 2,3-dioxygenase 1'
2 non-polymer (2R)-N-(4-cyanophenyl)-2-[cis-4-(quinolin-4-yl)cyclohexyl]propanamide
#
_entity_poly.entity_id   1
_entity_poly.type   'polypeptide(L)'
_entity_poly.pdbx_seq_one_letter_code
;MISKEYHIDEEVGFALPNPQENLPDFYNDWMFIAKHLPDLIESGQLRERVEKLNMLSIDHLTDHKSQRLARLVLGCITMA
YVWGKGHGDVRKVLPRNIAVPYCQLSKKLELPPILVYADCVLANWKKKDPNKPLTYENMDVLFSFRDGDCSKGFFLVSLL
VEIAAASAIKVIPTVFKAMQMQERDTLLKALLEIASCLEKALQVFHQIHDHVNPKAFFSVLRIYLSGWKGNPQLSDGLVY
EGFWEDPKEFAGGSAGQSSVFQCFDVLLGIQQTAGGGHAAQFLQDMRRYMPPAHRNFLCSLESNPSVREFVLSKGDAGLR
EAYDACVKALVSLRSYHLQIVTKYILIPASQQPKENKTSEDPSKLEAKGTGGTDLMNFLKTVRSTTEKSLLKEG
;
_entity_poly.pdbx_strand_id   A,B
#
loop_
_chem_comp.id
_chem_comp.type
_chem_comp.name
_chem_comp.formula
C51 non-polymer (2R)-N-(4-cyanophenyl)-2-[cis-4-(quinolin-4-yl)cyclohexyl]propanamide 'C25 H25 N3 O'
#
# COMPACT_ATOMS: atom_id res chain seq x y z
N MET A 1 -9.62 -16.84 -19.30
CA MET A 1 -9.66 -15.42 -19.64
C MET A 1 -9.63 -14.54 -18.41
N ILE A 2 -9.06 -13.34 -18.54
CA ILE A 2 -8.92 -12.44 -17.40
C ILE A 2 -10.26 -11.81 -17.05
N SER A 3 -10.41 -11.46 -15.78
CA SER A 3 -11.63 -10.82 -15.31
C SER A 3 -11.78 -9.39 -15.83
N LYS A 4 -12.97 -9.09 -16.34
CA LYS A 4 -13.23 -7.74 -16.85
C LYS A 4 -13.41 -6.75 -15.72
N GLU A 5 -13.63 -7.24 -14.50
CA GLU A 5 -13.76 -6.38 -13.32
C GLU A 5 -12.45 -5.72 -12.95
N TYR A 6 -11.34 -6.13 -13.56
CA TYR A 6 -10.06 -5.43 -13.43
C TYR A 6 -9.83 -4.46 -14.61
N HIS A 7 -10.72 -4.44 -15.60
CA HIS A 7 -10.64 -3.47 -16.68
C HIS A 7 -9.31 -3.55 -17.41
N ILE A 8 -8.98 -4.78 -17.77
CA ILE A 8 -7.88 -5.08 -18.67
C ILE A 8 -8.52 -5.60 -19.96
N ASP A 9 -8.12 -4.99 -21.05
CA ASP A 9 -8.73 -5.28 -22.32
C ASP A 9 -7.89 -6.33 -22.97
N GLU A 10 -8.56 -7.33 -23.53
CA GLU A 10 -7.87 -8.40 -24.22
C GLU A 10 -6.94 -7.80 -25.27
N GLU A 11 -7.35 -6.69 -25.88
CA GLU A 11 -6.57 -5.95 -26.87
C GLU A 11 -5.66 -4.88 -26.24
N VAL A 12 -6.21 -3.90 -25.54
CA VAL A 12 -5.31 -2.84 -25.13
C VAL A 12 -4.87 -2.97 -23.69
N GLY A 13 -5.27 -4.02 -23.00
CA GLY A 13 -4.73 -4.13 -21.65
C GLY A 13 -5.13 -3.04 -20.67
N PHE A 14 -4.16 -2.31 -20.11
CA PHE A 14 -4.44 -1.29 -19.08
C PHE A 14 -4.84 0.05 -19.67
N ALA A 15 -4.66 0.26 -20.97
CA ALA A 15 -5.19 1.44 -21.59
C ALA A 15 -6.70 1.41 -21.57
N LEU A 16 -7.26 2.57 -21.62
CA LEU A 16 -8.69 2.68 -21.70
C LEU A 16 -9.06 2.53 -23.16
N PRO A 17 -9.98 1.63 -23.52
CA PRO A 17 -10.29 1.40 -24.95
C PRO A 17 -11.25 2.44 -25.51
N ASN A 18 -10.91 2.98 -26.70
CA ASN A 18 -11.63 4.01 -27.45
C ASN A 18 -12.16 5.08 -26.49
N PRO A 19 -11.24 5.90 -25.99
CA PRO A 19 -11.56 6.94 -25.01
C PRO A 19 -12.44 8.08 -25.56
N GLN A 20 -13.26 8.65 -24.67
CA GLN A 20 -14.19 9.66 -25.11
C GLN A 20 -13.37 10.86 -25.51
N GLU A 21 -13.68 11.45 -26.67
CA GLU A 21 -12.95 12.63 -27.11
C GLU A 21 -13.65 13.93 -26.72
N ASN A 22 -14.95 13.89 -26.39
CA ASN A 22 -15.73 15.09 -26.22
C ASN A 22 -16.58 14.97 -24.98
N LEU A 23 -16.57 16.01 -24.20
CA LEU A 23 -17.45 16.09 -23.06
C LEU A 23 -18.82 16.55 -23.52
N PRO A 24 -19.85 16.23 -22.75
CA PRO A 24 -21.15 16.84 -23.01
C PRO A 24 -20.96 18.34 -23.18
N ASP A 25 -21.85 18.94 -23.98
CA ASP A 25 -21.71 20.36 -24.32
C ASP A 25 -21.79 21.28 -23.11
N PHE A 26 -22.32 20.82 -21.99
CA PHE A 26 -22.26 21.63 -20.79
C PHE A 26 -20.83 22.08 -20.52
N TYR A 27 -19.86 21.17 -20.76
CA TYR A 27 -18.51 21.46 -20.32
C TYR A 27 -17.68 22.12 -21.39
N ASN A 28 -18.29 22.84 -22.35
CA ASN A 28 -17.52 23.44 -23.43
C ASN A 28 -16.46 24.41 -22.94
N ASP A 29 -16.62 24.97 -21.74
CA ASP A 29 -15.67 25.98 -21.29
C ASP A 29 -14.38 25.37 -20.82
N TRP A 30 -14.47 24.22 -20.16
CA TRP A 30 -13.26 23.51 -19.77
C TRP A 30 -12.54 23.05 -21.03
N MET A 31 -13.28 22.39 -21.93
CA MET A 31 -12.68 21.81 -23.13
C MET A 31 -11.90 22.84 -23.92
N PHE A 32 -12.34 24.12 -23.93
CA PHE A 32 -11.71 25.12 -24.78
C PHE A 32 -10.29 25.47 -24.29
N ILE A 33 -10.12 25.54 -22.97
CA ILE A 33 -8.82 25.80 -22.38
C ILE A 33 -7.83 24.63 -22.60
N ALA A 34 -8.27 23.41 -22.30
CA ALA A 34 -7.41 22.25 -22.42
C ALA A 34 -7.00 22.06 -23.86
N LYS A 35 -7.89 22.48 -24.76
CA LYS A 35 -7.51 22.31 -26.14
C LYS A 35 -6.49 23.35 -26.59
N HIS A 36 -6.19 24.33 -25.76
CA HIS A 36 -5.37 25.43 -26.26
C HIS A 36 -4.38 25.87 -25.22
N LEU A 37 -3.96 24.98 -24.34
CA LEU A 37 -2.96 25.37 -23.37
C LEU A 37 -1.74 26.02 -24.02
N PRO A 38 -1.22 25.52 -25.12
CA PRO A 38 -0.08 26.18 -25.73
C PRO A 38 -0.31 27.63 -26.01
N ASP A 39 -1.40 27.94 -26.71
CA ASP A 39 -1.66 29.31 -27.10
C ASP A 39 -1.92 30.19 -25.88
N LEU A 40 -2.75 29.70 -24.97
CA LEU A 40 -3.10 30.51 -23.81
C LEU A 40 -1.92 30.73 -22.89
N ILE A 41 -1.01 29.78 -22.83
CA ILE A 41 0.20 30.04 -22.05
C ILE A 41 1.04 31.10 -22.72
N GLU A 42 1.37 30.88 -23.98
CA GLU A 42 2.32 31.77 -24.61
C GLU A 42 1.79 33.18 -24.63
N SER A 43 0.48 33.31 -24.73
CA SER A 43 -0.10 34.62 -24.65
C SER A 43 0.10 35.22 -23.26
N GLY A 44 -0.03 34.39 -22.23
CA GLY A 44 -0.03 34.87 -20.86
C GLY A 44 -1.43 35.11 -20.40
N GLN A 45 -2.38 34.44 -21.00
CA GLN A 45 -3.77 34.58 -20.64
C GLN A 45 -4.36 33.26 -20.23
N LEU A 46 -3.51 32.29 -19.87
CA LEU A 46 -4.05 31.04 -19.35
C LEU A 46 -4.69 31.24 -17.98
N ARG A 47 -3.99 31.89 -17.07
CA ARG A 47 -4.57 32.08 -15.75
C ARG A 47 -5.81 32.99 -15.80
N GLU A 48 -5.80 33.98 -16.70
CA GLU A 48 -6.97 34.82 -16.86
C GLU A 48 -8.21 33.98 -17.16
N ARG A 49 -8.08 32.97 -18.02
CA ARG A 49 -9.27 32.22 -18.43
C ARG A 49 -9.76 31.39 -17.29
N VAL A 50 -8.85 30.70 -16.65
CA VAL A 50 -9.25 29.81 -15.57
C VAL A 50 -9.91 30.60 -14.46
N GLU A 51 -9.33 31.72 -14.09
CA GLU A 51 -9.86 32.47 -12.98
C GLU A 51 -11.25 33.01 -13.28
N LYS A 52 -11.59 33.13 -14.55
CA LYS A 52 -12.88 33.59 -15.00
C LYS A 52 -13.84 32.46 -15.35
N LEU A 53 -13.69 31.28 -14.78
CA LEU A 53 -14.65 30.22 -15.03
C LEU A 53 -15.63 30.07 -13.88
N ASN A 54 -16.82 29.57 -14.22
CA ASN A 54 -17.78 29.22 -13.20
C ASN A 54 -17.53 27.82 -12.68
N MET A 55 -17.98 27.60 -11.46
CA MET A 55 -17.87 26.29 -10.86
C MET A 55 -18.89 25.40 -11.51
N LEU A 56 -18.43 24.58 -12.44
CA LEU A 56 -19.32 23.64 -13.05
C LEU A 56 -19.47 22.42 -12.17
N SER A 57 -20.55 21.71 -12.42
CA SER A 57 -20.86 20.47 -11.73
C SER A 57 -20.24 19.26 -12.44
N ILE A 58 -19.94 18.23 -11.64
CA ILE A 58 -19.47 16.95 -12.19
C ILE A 58 -20.63 16.00 -12.43
N ASP A 59 -21.84 16.43 -12.12
CA ASP A 59 -22.94 15.50 -12.12
C ASP A 59 -23.42 15.18 -13.53
N HIS A 60 -22.94 15.88 -14.54
CA HIS A 60 -23.25 15.50 -15.91
C HIS A 60 -22.15 14.63 -16.52
N LEU A 61 -21.26 14.09 -15.69
CA LEU A 61 -20.27 13.14 -16.14
C LEU A 61 -20.76 11.77 -15.75
N THR A 62 -21.38 11.09 -16.71
CA THR A 62 -22.14 9.90 -16.42
C THR A 62 -21.33 8.63 -16.59
N ASP A 63 -20.86 8.39 -17.80
CA ASP A 63 -20.21 7.13 -18.07
C ASP A 63 -18.82 7.20 -17.53
N HIS A 64 -18.25 6.02 -17.30
CA HIS A 64 -16.90 6.02 -16.78
C HIS A 64 -15.98 6.79 -17.70
N LYS A 65 -16.11 6.59 -19.01
CA LYS A 65 -15.18 7.23 -19.92
C LYS A 65 -15.34 8.75 -19.91
N SER A 66 -16.57 9.26 -19.87
CA SER A 66 -16.69 10.72 -19.84
C SER A 66 -16.10 11.28 -18.56
N GLN A 67 -16.19 10.51 -17.48
CA GLN A 67 -15.49 10.84 -16.25
C GLN A 67 -13.98 10.75 -16.44
N ARG A 68 -13.50 9.77 -17.17
CA ARG A 68 -12.05 9.74 -17.35
C ARG A 68 -11.59 10.84 -18.28
N LEU A 69 -12.44 11.22 -19.23
CA LEU A 69 -12.07 12.32 -20.11
C LEU A 69 -12.02 13.61 -19.33
N ALA A 70 -12.95 13.81 -18.37
CA ALA A 70 -12.92 15.05 -17.59
C ALA A 70 -11.64 15.13 -16.76
N ARG A 71 -11.25 14.01 -16.17
CA ARG A 71 -10.13 14.05 -15.25
C ARG A 71 -8.84 14.38 -15.97
N LEU A 72 -8.80 14.01 -17.22
CA LEU A 72 -7.66 14.30 -18.05
C LEU A 72 -7.69 15.78 -18.41
N VAL A 73 -8.87 16.30 -18.73
CA VAL A 73 -9.00 17.71 -19.01
C VAL A 73 -8.61 18.57 -17.80
N LEU A 74 -9.19 18.30 -16.63
CA LEU A 74 -8.89 19.17 -15.49
C LEU A 74 -7.43 19.05 -15.09
N GLY A 75 -6.85 17.86 -15.26
CA GLY A 75 -5.47 17.64 -14.90
C GLY A 75 -4.53 18.35 -15.85
N CYS A 76 -4.87 18.41 -17.11
CA CYS A 76 -3.98 19.21 -17.93
C CYS A 76 -4.11 20.67 -17.55
N ILE A 77 -5.34 21.14 -17.37
CA ILE A 77 -5.55 22.53 -16.99
C ILE A 77 -4.81 22.87 -15.73
N THR A 78 -4.85 21.97 -14.73
CA THR A 78 -4.24 22.27 -13.44
C THR A 78 -2.73 22.45 -13.53
N MET A 79 -2.08 21.65 -14.34
CA MET A 79 -0.62 21.73 -14.47
C MET A 79 -0.23 23.02 -15.17
N ALA A 80 -1.04 23.38 -16.16
CA ALA A 80 -0.87 24.63 -16.88
C ALA A 80 -1.04 25.86 -15.99
N TYR A 81 -2.07 25.84 -15.11
CA TYR A 81 -2.29 26.97 -14.21
C TYR A 81 -1.16 27.05 -13.19
N VAL A 82 -0.81 25.91 -12.56
CA VAL A 82 0.26 25.90 -11.57
C VAL A 82 1.58 26.36 -12.18
N TRP A 83 2.02 25.71 -13.29
CA TRP A 83 3.41 25.91 -13.72
C TRP A 83 3.58 27.06 -14.67
N GLY A 84 2.50 27.52 -15.33
CA GLY A 84 2.56 28.71 -16.18
C GLY A 84 3.34 28.51 -17.46
N LYS A 85 4.28 29.43 -17.73
CA LYS A 85 5.17 29.31 -18.88
C LYS A 85 6.32 28.30 -18.67
N GLY A 86 6.47 27.74 -17.47
CA GLY A 86 7.51 26.79 -17.16
C GLY A 86 8.90 27.37 -16.85
N HIS A 87 8.96 28.56 -16.29
CA HIS A 87 10.23 29.21 -16.05
C HIS A 87 10.34 29.72 -14.62
N GLY A 88 9.41 29.34 -13.74
CA GLY A 88 9.49 29.66 -12.32
C GLY A 88 8.48 30.66 -11.78
N ASP A 89 7.59 31.22 -12.60
CA ASP A 89 6.49 32.06 -12.11
C ASP A 89 5.30 31.16 -11.78
N VAL A 90 5.17 30.78 -10.51
CA VAL A 90 4.33 29.66 -10.03
C VAL A 90 3.11 30.17 -9.24
N ARG A 91 1.97 29.46 -9.40
CA ARG A 91 0.75 29.60 -8.60
C ARG A 91 0.71 28.54 -7.50
N LYS A 92 0.47 28.95 -6.27
CA LYS A 92 0.38 28.02 -5.15
C LYS A 92 -1.07 27.74 -4.72
N VAL A 93 -2.09 28.32 -5.37
CA VAL A 93 -3.50 28.13 -4.99
C VAL A 93 -4.33 27.82 -6.24
N LEU A 94 -5.06 26.73 -6.21
CA LEU A 94 -5.93 26.36 -7.33
C LEU A 94 -7.35 26.86 -7.13
N PRO A 95 -7.92 27.64 -8.06
CA PRO A 95 -9.24 28.23 -7.80
C PRO A 95 -10.36 27.23 -7.61
N ARG A 96 -11.25 27.56 -6.69
CA ARG A 96 -12.46 26.78 -6.47
C ARG A 96 -13.15 26.47 -7.79
N ASN A 97 -13.24 27.44 -8.69
CA ASN A 97 -13.93 27.26 -9.98
C ASN A 97 -13.54 25.94 -10.61
N ILE A 98 -12.30 25.56 -10.39
CA ILE A 98 -11.71 24.37 -10.94
C ILE A 98 -11.31 23.35 -9.86
N ALA A 99 -10.75 23.80 -8.73
CA ALA A 99 -10.29 22.82 -7.72
C ALA A 99 -11.44 21.96 -7.22
N VAL A 100 -12.58 22.58 -6.95
CA VAL A 100 -13.72 21.87 -6.40
C VAL A 100 -14.16 20.76 -7.35
N PRO A 101 -14.59 21.06 -8.57
CA PRO A 101 -15.04 19.95 -9.42
C PRO A 101 -13.96 18.93 -9.63
N TYR A 102 -12.73 19.36 -9.72
CA TYR A 102 -11.66 18.39 -9.90
C TYR A 102 -11.53 17.47 -8.69
N CYS A 103 -11.54 18.03 -7.47
CA CYS A 103 -11.35 17.15 -6.33
C CYS A 103 -12.52 16.20 -6.16
N GLN A 104 -13.69 16.63 -6.58
CA GLN A 104 -14.87 15.77 -6.55
C GLN A 104 -14.73 14.67 -7.59
N LEU A 105 -14.32 15.05 -8.80
CA LEU A 105 -14.30 14.04 -9.83
C LEU A 105 -13.27 13.01 -9.49
N SER A 106 -12.22 13.41 -8.77
CA SER A 106 -11.17 12.49 -8.39
C SER A 106 -11.64 11.50 -7.33
N LYS A 107 -12.20 11.99 -6.23
CA LYS A 107 -12.68 11.12 -5.16
C LYS A 107 -13.62 10.06 -5.73
N LYS A 108 -14.44 10.46 -6.72
CA LYS A 108 -15.33 9.52 -7.38
C LYS A 108 -14.51 8.43 -8.09
N LEU A 109 -13.39 8.80 -8.67
CA LEU A 109 -12.58 7.85 -9.40
C LEU A 109 -11.48 7.21 -8.54
N GLU A 110 -11.34 7.62 -7.28
CA GLU A 110 -10.31 7.12 -6.37
C GLU A 110 -8.90 7.52 -6.79
N LEU A 111 -8.80 8.62 -7.43
CA LEU A 111 -7.49 9.12 -7.79
C LEU A 111 -7.19 10.42 -7.10
N PRO A 112 -5.92 10.81 -7.04
CA PRO A 112 -5.56 12.11 -6.50
C PRO A 112 -5.72 13.23 -7.52
N PRO A 113 -5.89 14.43 -7.08
CA PRO A 113 -6.03 15.62 -7.94
C PRO A 113 -4.69 16.09 -8.50
N ILE A 114 -4.13 15.24 -9.31
CA ILE A 114 -2.98 15.63 -10.07
C ILE A 114 -2.96 14.72 -11.25
N LEU A 115 -2.34 15.22 -12.28
CA LEU A 115 -2.26 14.50 -13.52
C LEU A 115 -1.38 13.28 -13.30
N VAL A 116 -1.92 12.11 -13.55
CA VAL A 116 -1.12 10.91 -13.49
C VAL A 116 -1.10 10.22 -14.88
N TYR A 117 -0.21 9.25 -14.99
CA TYR A 117 0.09 8.55 -16.25
C TYR A 117 -1.16 7.92 -16.86
N ALA A 118 -2.06 7.44 -16.00
CA ALA A 118 -3.29 6.83 -16.45
C ALA A 118 -4.23 7.86 -17.05
N ASP A 119 -3.93 9.14 -16.79
CA ASP A 119 -4.56 10.28 -17.48
C ASP A 119 -3.96 10.54 -18.86
N CYS A 120 -2.77 11.10 -18.87
CA CYS A 120 -2.06 11.61 -19.98
C CYS A 120 -1.45 10.51 -20.80
N VAL A 121 -1.60 9.22 -20.44
CA VAL A 121 -1.19 8.14 -21.32
C VAL A 121 -2.32 7.17 -21.59
N LEU A 122 -2.98 6.69 -20.55
CA LEU A 122 -3.97 5.64 -20.85
C LEU A 122 -5.31 6.17 -21.37
N ALA A 123 -5.62 7.47 -21.19
CA ALA A 123 -6.94 7.97 -21.55
C ALA A 123 -6.85 9.12 -22.54
N ASN A 124 -5.64 9.43 -23.01
CA ASN A 124 -5.32 10.60 -23.81
C ASN A 124 -5.02 10.19 -25.25
N TRP A 125 -5.90 9.42 -25.91
CA TRP A 125 -5.54 8.91 -27.23
C TRP A 125 -6.76 8.50 -28.07
N LYS A 126 -6.57 8.55 -29.40
CA LYS A 126 -7.62 8.21 -30.35
C LYS A 126 -6.94 7.55 -31.51
N LYS A 127 -7.64 6.64 -32.17
CA LYS A 127 -7.19 6.17 -33.47
C LYS A 127 -7.90 6.97 -34.54
N LYS A 128 -7.10 7.49 -35.49
CA LYS A 128 -7.63 8.34 -36.54
C LYS A 128 -8.64 7.60 -37.38
N ASP A 129 -8.25 6.46 -37.92
CA ASP A 129 -9.13 5.60 -38.68
C ASP A 129 -9.44 4.34 -37.90
N PRO A 130 -10.66 4.19 -37.38
CA PRO A 130 -11.00 2.98 -36.60
C PRO A 130 -10.63 1.65 -37.23
N ASN A 131 -10.77 1.51 -38.54
CA ASN A 131 -10.56 0.19 -39.12
C ASN A 131 -9.08 -0.20 -39.09
N LYS A 132 -8.19 0.77 -39.08
CA LYS A 132 -6.79 0.45 -39.15
C LYS A 132 -6.25 0.12 -37.76
N PRO A 133 -5.12 -0.57 -37.69
CA PRO A 133 -4.59 -1.04 -36.41
C PRO A 133 -3.92 0.06 -35.62
N LEU A 134 -3.50 -0.28 -34.40
CA LEU A 134 -2.87 0.67 -33.46
C LEU A 134 -1.38 0.83 -33.76
N THR A 135 -1.11 1.53 -34.84
CA THR A 135 0.24 1.93 -35.13
C THR A 135 0.30 3.41 -34.88
N TYR A 136 1.53 3.91 -34.66
CA TYR A 136 1.73 5.32 -34.34
C TYR A 136 1.14 6.23 -35.41
N GLU A 137 1.35 5.90 -36.67
CA GLU A 137 0.85 6.78 -37.71
C GLU A 137 -0.67 6.87 -37.70
N ASN A 138 -1.34 5.93 -37.04
CA ASN A 138 -2.80 5.93 -36.96
C ASN A 138 -3.29 6.55 -35.65
N MET A 139 -2.40 7.14 -34.87
CA MET A 139 -2.74 7.55 -33.52
C MET A 139 -2.43 9.04 -33.33
N ASP A 140 -3.16 9.65 -32.40
CA ASP A 140 -2.91 11.00 -31.92
C ASP A 140 -3.25 11.02 -30.43
N VAL A 141 -2.70 12.01 -29.71
CA VAL A 141 -3.11 12.29 -28.33
C VAL A 141 -4.21 13.32 -28.36
N LEU A 142 -4.86 13.49 -27.23
CA LEU A 142 -5.88 14.53 -27.17
C LEU A 142 -5.35 15.87 -26.66
N PHE A 143 -4.29 15.92 -25.83
CA PHE A 143 -3.94 17.19 -25.18
C PHE A 143 -2.43 17.38 -25.07
N SER A 144 -2.02 18.64 -25.00
CA SER A 144 -0.61 19.01 -24.97
C SER A 144 -0.40 20.28 -24.14
N PHE A 145 0.88 20.60 -23.85
CA PHE A 145 1.23 21.77 -23.04
C PHE A 145 1.86 22.93 -23.80
N ARG A 146 2.89 22.67 -24.60
CA ARG A 146 3.48 23.72 -25.43
C ARG A 146 3.77 23.14 -26.80
N ASP A 147 3.98 24.01 -27.78
CA ASP A 147 4.30 23.57 -29.12
C ASP A 147 5.67 22.92 -29.12
N GLY A 148 5.75 21.69 -29.62
CA GLY A 148 7.04 21.05 -29.64
C GLY A 148 7.52 20.68 -28.26
N ASP A 149 6.61 20.36 -27.39
CA ASP A 149 6.97 19.69 -26.16
C ASP A 149 7.17 18.20 -26.39
N CYS A 150 7.02 17.73 -27.62
CA CYS A 150 7.20 16.33 -27.96
C CYS A 150 6.26 15.47 -27.16
N SER A 151 5.21 16.09 -26.64
CA SER A 151 4.27 15.32 -25.84
C SER A 151 3.56 14.23 -26.66
N LYS A 152 3.34 14.44 -27.93
CA LYS A 152 2.79 13.36 -28.71
C LYS A 152 3.69 12.14 -28.65
N GLY A 153 5.01 12.35 -28.77
CA GLY A 153 5.91 11.22 -28.81
C GLY A 153 5.95 10.46 -27.50
N PHE A 154 6.18 11.18 -26.42
CA PHE A 154 6.39 10.55 -25.13
C PHE A 154 5.16 9.79 -24.67
N PHE A 155 3.96 10.31 -24.98
CA PHE A 155 2.78 9.59 -24.53
C PHE A 155 2.44 8.44 -25.45
N LEU A 156 2.51 8.61 -26.76
CA LEU A 156 2.04 7.50 -27.56
C LEU A 156 2.98 6.31 -27.48
N VAL A 157 4.27 6.59 -27.41
CA VAL A 157 5.26 5.53 -27.34
C VAL A 157 5.05 4.75 -26.06
N SER A 158 4.86 5.46 -24.94
CA SER A 158 4.53 4.86 -23.65
C SER A 158 3.36 3.93 -23.85
N LEU A 159 2.32 4.49 -24.43
CA LEU A 159 1.09 3.78 -24.61
C LEU A 159 1.33 2.59 -25.49
N LEU A 160 2.19 2.73 -26.51
CA LEU A 160 2.30 1.57 -27.39
C LEU A 160 2.93 0.44 -26.62
N VAL A 161 3.91 0.77 -25.78
CA VAL A 161 4.55 -0.26 -24.97
C VAL A 161 3.53 -0.88 -24.01
N GLU A 162 2.61 -0.06 -23.50
CA GLU A 162 1.56 -0.63 -22.68
C GLU A 162 0.73 -1.65 -23.47
N ILE A 163 0.42 -1.30 -24.69
CA ILE A 163 -0.29 -2.20 -25.59
C ILE A 163 0.55 -3.44 -25.89
N ALA A 164 1.86 -3.25 -26.09
CA ALA A 164 2.71 -4.38 -26.42
C ALA A 164 2.75 -5.36 -25.28
N ALA A 165 2.64 -4.87 -24.05
CA ALA A 165 2.56 -5.73 -22.90
C ALA A 165 1.17 -6.34 -22.72
N ALA A 166 0.13 -5.77 -23.29
CA ALA A 166 -1.15 -6.42 -23.07
C ALA A 166 -1.07 -7.87 -23.45
N SER A 167 -0.30 -8.20 -24.49
CA SER A 167 -0.24 -9.57 -24.95
C SER A 167 0.29 -10.46 -23.85
N ALA A 168 1.20 -9.94 -23.07
CA ALA A 168 1.77 -10.74 -22.00
C ALA A 168 0.82 -10.84 -20.83
N ILE A 169 0.15 -9.73 -20.51
CA ILE A 169 -0.83 -9.75 -19.44
C ILE A 169 -1.84 -10.85 -19.67
N LYS A 170 -2.26 -11.06 -20.93
CA LYS A 170 -3.29 -12.08 -21.23
C LYS A 170 -2.97 -13.44 -20.61
N VAL A 171 -1.69 -13.76 -20.44
CA VAL A 171 -1.27 -15.11 -20.14
C VAL A 171 -1.28 -15.37 -18.64
N ILE A 172 -1.17 -14.31 -17.85
CA ILE A 172 -1.04 -14.46 -16.40
C ILE A 172 -1.99 -15.49 -15.84
N PRO A 173 -3.27 -15.47 -16.14
CA PRO A 173 -4.14 -16.54 -15.63
C PRO A 173 -3.71 -17.94 -16.04
N THR A 174 -3.06 -18.07 -17.18
CA THR A 174 -2.64 -19.40 -17.62
C THR A 174 -1.56 -19.92 -16.68
N VAL A 175 -0.73 -19.02 -16.17
CA VAL A 175 0.30 -19.40 -15.22
C VAL A 175 -0.30 -19.95 -13.95
N PHE A 176 -1.12 -19.15 -13.31
CA PHE A 176 -1.46 -19.51 -11.97
C PHE A 176 -2.25 -20.77 -11.99
N LYS A 177 -2.96 -21.03 -13.09
CA LYS A 177 -3.71 -22.27 -13.16
C LYS A 177 -2.78 -23.45 -13.31
N ALA A 178 -1.74 -23.29 -14.11
CA ALA A 178 -0.83 -24.40 -14.36
C ALA A 178 -0.14 -24.77 -13.09
N MET A 179 0.13 -23.77 -12.24
CA MET A 179 0.64 -24.10 -10.91
C MET A 179 -0.42 -24.83 -10.09
N GLN A 180 -1.63 -24.29 -10.05
CA GLN A 180 -2.68 -24.92 -9.26
C GLN A 180 -2.95 -26.34 -9.74
N MET A 181 -2.84 -26.58 -11.05
CA MET A 181 -3.05 -27.89 -11.65
C MET A 181 -1.76 -28.67 -11.94
N GLN A 182 -0.60 -28.12 -11.62
CA GLN A 182 0.68 -28.85 -11.72
C GLN A 182 0.96 -29.35 -13.14
N GLU A 183 0.58 -28.55 -14.14
CA GLU A 183 0.85 -28.83 -15.55
C GLU A 183 2.15 -28.16 -15.99
N ARG A 184 3.24 -28.90 -15.88
CA ARG A 184 4.56 -28.30 -16.08
C ARG A 184 4.83 -27.91 -17.53
N ASP A 185 4.41 -28.73 -18.50
CA ASP A 185 4.76 -28.37 -19.86
C ASP A 185 4.10 -27.05 -20.18
N THR A 186 2.83 -26.93 -19.78
CA THR A 186 2.00 -25.77 -20.05
C THR A 186 2.57 -24.52 -19.37
N LEU A 187 3.14 -24.67 -18.17
CA LEU A 187 3.71 -23.48 -17.54
C LEU A 187 4.91 -22.99 -18.34
N LEU A 188 5.73 -23.91 -18.82
CA LEU A 188 6.92 -23.49 -19.54
C LEU A 188 6.56 -22.75 -20.81
N LYS A 189 5.62 -23.31 -21.56
CA LYS A 189 5.15 -22.65 -22.78
C LYS A 189 4.76 -21.22 -22.46
N ALA A 190 4.04 -21.04 -21.36
CA ALA A 190 3.53 -19.72 -21.01
C ALA A 190 4.67 -18.76 -20.70
N LEU A 191 5.57 -19.16 -19.83
CA LEU A 191 6.64 -18.25 -19.50
C LEU A 191 7.40 -17.83 -20.75
N LEU A 192 7.45 -18.71 -21.75
CA LEU A 192 8.15 -18.35 -22.96
C LEU A 192 7.34 -17.35 -23.77
N GLU A 193 6.01 -17.53 -23.82
CA GLU A 193 5.15 -16.57 -24.52
C GLU A 193 5.28 -15.22 -23.86
N ILE A 194 5.28 -15.21 -22.54
CA ILE A 194 5.41 -13.95 -21.84
C ILE A 194 6.73 -13.28 -22.16
N ALA A 195 7.80 -14.08 -22.17
CA ALA A 195 9.12 -13.52 -22.46
C ALA A 195 9.15 -12.95 -23.86
N SER A 196 8.52 -13.62 -24.80
CA SER A 196 8.53 -13.11 -26.14
C SER A 196 7.82 -11.78 -26.18
N CYS A 197 6.70 -11.71 -25.46
CA CYS A 197 5.91 -10.50 -25.54
C CYS A 197 6.68 -9.30 -24.96
N LEU A 198 7.52 -9.50 -23.94
CA LEU A 198 8.34 -8.39 -23.46
C LEU A 198 9.54 -8.12 -24.33
N GLU A 199 10.00 -9.08 -25.12
CA GLU A 199 11.05 -8.74 -26.08
C GLU A 199 10.46 -7.80 -27.11
N LYS A 200 9.22 -8.09 -27.49
CA LYS A 200 8.47 -7.22 -28.36
C LYS A 200 8.29 -5.86 -27.72
N ALA A 201 7.91 -5.84 -26.47
CA ALA A 201 7.68 -4.54 -25.89
C ALA A 201 8.94 -3.69 -25.93
N LEU A 202 10.11 -4.32 -25.89
CA LEU A 202 11.34 -3.56 -25.94
C LEU A 202 11.55 -2.91 -27.30
N GLN A 203 11.19 -3.60 -28.38
CA GLN A 203 11.42 -3.04 -29.71
C GLN A 203 10.51 -1.88 -29.93
N VAL A 204 9.34 -1.92 -29.29
CA VAL A 204 8.46 -0.78 -29.38
C VAL A 204 9.07 0.42 -28.64
N PHE A 205 9.63 0.19 -27.48
CA PHE A 205 10.23 1.28 -26.76
C PHE A 205 11.34 1.94 -27.59
N HIS A 206 11.94 1.23 -28.52
CA HIS A 206 12.98 1.83 -29.33
C HIS A 206 12.43 2.99 -30.12
N GLN A 207 11.13 2.99 -30.38
CA GLN A 207 10.52 4.02 -31.20
C GLN A 207 10.65 5.42 -30.59
N ILE A 208 11.02 5.48 -29.32
CA ILE A 208 11.10 6.72 -28.58
C ILE A 208 11.93 7.76 -29.31
N HIS A 209 12.98 7.31 -30.00
CA HIS A 209 14.01 8.21 -30.50
C HIS A 209 13.55 9.03 -31.67
N ASP A 210 12.57 8.53 -32.44
CA ASP A 210 12.07 9.28 -33.58
C ASP A 210 11.10 10.39 -33.21
N HIS A 211 10.61 10.41 -31.96
CA HIS A 211 9.46 11.22 -31.63
C HIS A 211 9.72 12.07 -30.43
N VAL A 212 10.92 12.05 -29.88
CA VAL A 212 11.28 12.95 -28.81
C VAL A 212 12.71 13.39 -29.04
N ASN A 213 13.01 14.66 -28.76
CA ASN A 213 14.37 15.17 -28.79
C ASN A 213 14.76 15.61 -27.39
N PRO A 214 16.04 15.56 -27.04
CA PRO A 214 16.44 15.91 -25.66
C PRO A 214 16.12 17.33 -25.16
N LYS A 215 16.44 18.38 -25.92
CA LYS A 215 16.31 19.75 -25.40
C LYS A 215 14.90 19.99 -24.91
N ALA A 216 13.94 19.63 -25.76
CA ALA A 216 12.55 19.93 -25.48
C ALA A 216 12.04 19.21 -24.25
N PHE A 217 12.48 17.98 -24.06
CA PHE A 217 11.99 17.21 -22.94
C PHE A 217 12.58 17.72 -21.63
N PHE A 218 13.86 18.07 -21.64
CA PHE A 218 14.45 18.43 -20.37
C PHE A 218 13.89 19.73 -19.86
N SER A 219 13.79 20.74 -20.75
CA SER A 219 13.51 22.11 -20.38
C SER A 219 12.01 22.42 -20.35
N VAL A 220 11.20 21.62 -21.01
CA VAL A 220 9.80 21.96 -21.19
C VAL A 220 8.88 20.89 -20.64
N LEU A 221 8.87 19.72 -21.28
CA LEU A 221 7.85 18.74 -20.90
C LEU A 221 8.04 18.24 -19.48
N ARG A 222 9.29 18.20 -19.01
CA ARG A 222 9.54 17.75 -17.64
C ARG A 222 8.91 18.71 -16.64
N ILE A 223 8.89 19.99 -16.98
CA ILE A 223 8.36 21.03 -16.09
C ILE A 223 6.87 20.79 -15.81
N TYR A 224 6.13 20.43 -16.88
CA TYR A 224 4.68 20.26 -16.78
C TYR A 224 4.30 18.87 -16.26
N LEU A 225 5.25 17.98 -16.04
CA LEU A 225 4.88 16.71 -15.43
C LEU A 225 5.32 16.62 -13.98
N SER A 226 5.85 17.72 -13.45
CA SER A 226 6.23 17.87 -12.07
C SER A 226 5.03 18.07 -11.14
N GLY A 227 5.14 17.52 -9.94
CA GLY A 227 4.11 17.66 -8.93
C GLY A 227 4.61 18.44 -7.73
N TRP A 228 4.00 18.22 -6.58
CA TRP A 228 4.28 19.05 -5.43
C TRP A 228 4.45 18.17 -4.20
N LYS A 229 5.37 17.21 -4.30
CA LYS A 229 5.81 16.43 -3.16
C LYS A 229 7.33 16.52 -3.12
N GLY A 230 7.84 17.10 -2.06
CA GLY A 230 9.28 17.26 -1.97
C GLY A 230 9.83 18.23 -2.96
N ASN A 231 9.00 19.15 -3.44
CA ASN A 231 9.46 20.11 -4.40
C ASN A 231 9.72 21.47 -3.72
N PRO A 232 10.92 22.03 -3.83
CA PRO A 232 11.18 23.34 -3.22
C PRO A 232 10.30 24.47 -3.70
N GLN A 233 9.94 24.54 -4.96
CA GLN A 233 9.21 25.74 -5.34
C GLN A 233 7.76 25.71 -4.89
N LEU A 234 7.29 24.58 -4.33
CA LEU A 234 5.98 24.45 -3.69
C LEU A 234 6.15 23.66 -2.39
N SER A 235 6.88 24.26 -1.46
CA SER A 235 7.35 23.59 -0.25
C SER A 235 6.26 22.77 0.44
N ASP A 236 5.06 23.32 0.55
CA ASP A 236 4.00 22.72 1.35
C ASP A 236 2.91 22.06 0.54
N GLY A 237 3.01 22.05 -0.79
CA GLY A 237 1.97 21.49 -1.63
C GLY A 237 0.99 22.52 -2.18
N LEU A 238 -0.13 22.00 -2.64
CA LEU A 238 -1.15 22.80 -3.29
C LEU A 238 -2.40 22.96 -2.42
N VAL A 239 -2.93 24.19 -2.33
CA VAL A 239 -4.28 24.45 -1.82
C VAL A 239 -5.31 24.11 -2.88
N TYR A 240 -6.23 23.23 -2.57
CA TYR A 240 -7.38 23.01 -3.46
C TYR A 240 -8.55 23.82 -2.90
N GLU A 241 -8.61 25.09 -3.31
CA GLU A 241 -9.55 26.06 -2.75
C GLU A 241 -10.97 25.50 -2.69
N GLY A 242 -11.53 25.52 -1.50
CA GLY A 242 -12.91 25.16 -1.35
C GLY A 242 -13.19 23.70 -1.21
N PHE A 243 -12.22 22.84 -1.52
CA PHE A 243 -12.35 21.41 -1.21
C PHE A 243 -11.59 20.97 0.04
N TRP A 244 -10.31 21.31 0.14
CA TRP A 244 -9.50 21.07 1.33
C TRP A 244 -8.96 22.36 1.88
N GLU A 245 -8.93 22.41 3.20
CA GLU A 245 -8.51 23.61 3.90
C GLU A 245 -7.01 23.83 3.76
N ASP A 246 -6.23 22.82 3.99
CA ASP A 246 -4.78 22.94 3.96
C ASP A 246 -4.21 22.52 2.61
N PRO A 247 -2.99 22.96 2.32
CA PRO A 247 -2.32 22.45 1.13
C PRO A 247 -1.86 21.02 1.31
N LYS A 248 -2.02 20.27 0.23
CA LYS A 248 -1.74 18.84 0.14
C LYS A 248 -0.59 18.61 -0.86
N GLU A 249 0.35 17.72 -0.52
CA GLU A 249 1.48 17.37 -1.39
C GLU A 249 1.09 16.16 -2.22
N PHE A 250 1.36 16.22 -3.54
CA PHE A 250 1.09 15.14 -4.48
C PHE A 250 2.20 15.05 -5.53
N ALA A 251 2.48 13.81 -5.88
CA ALA A 251 3.65 13.48 -6.68
C ALA A 251 3.47 13.74 -8.15
N GLY A 252 4.55 14.14 -8.78
CA GLY A 252 4.54 14.18 -10.23
C GLY A 252 4.40 12.79 -10.83
N GLY A 253 3.90 12.76 -12.06
CA GLY A 253 3.81 11.52 -12.82
C GLY A 253 5.17 10.88 -13.11
N SER A 254 5.20 9.56 -13.12
CA SER A 254 6.46 8.87 -13.35
C SER A 254 6.20 7.52 -14.00
N ALA A 255 7.23 6.90 -14.54
CA ALA A 255 6.95 5.56 -15.05
C ALA A 255 6.43 4.60 -13.96
N GLY A 256 6.78 4.84 -12.69
CA GLY A 256 6.38 3.96 -11.61
C GLY A 256 4.88 3.82 -11.42
N GLN A 257 4.11 4.74 -12.00
CA GLN A 257 2.66 4.63 -12.01
C GLN A 257 2.14 3.67 -13.07
N SER A 258 2.98 3.22 -14.01
CA SER A 258 2.57 2.19 -14.97
C SER A 258 2.34 0.85 -14.27
N SER A 259 1.17 0.25 -14.43
CA SER A 259 1.01 -1.08 -13.84
C SER A 259 2.05 -2.02 -14.39
N VAL A 260 2.22 -1.97 -15.71
CA VAL A 260 3.09 -2.83 -16.46
C VAL A 260 4.51 -2.71 -15.93
N PHE A 261 4.86 -1.55 -15.42
CA PHE A 261 6.18 -1.39 -14.85
C PHE A 261 6.33 -2.15 -13.52
N GLN A 262 5.23 -2.62 -12.96
CA GLN A 262 5.14 -3.33 -11.69
C GLN A 262 4.60 -4.74 -11.85
N CYS A 263 3.66 -4.98 -12.76
CA CYS A 263 2.91 -6.22 -12.66
C CYS A 263 3.77 -7.43 -12.91
N PHE A 264 4.83 -7.28 -13.65
CA PHE A 264 5.59 -8.46 -13.98
C PHE A 264 6.62 -8.78 -12.94
N ASP A 265 7.20 -7.75 -12.32
CA ASP A 265 8.06 -7.98 -11.17
C ASP A 265 7.31 -8.72 -10.10
N VAL A 266 6.07 -8.33 -9.89
CA VAL A 266 5.25 -8.92 -8.86
C VAL A 266 4.90 -10.36 -9.22
N LEU A 267 4.54 -10.58 -10.47
CA LEU A 267 4.25 -11.92 -10.97
C LEU A 267 5.42 -12.86 -10.72
N LEU A 268 6.62 -12.40 -11.04
CA LEU A 268 7.78 -13.26 -10.94
C LEU A 268 8.33 -13.39 -9.52
N GLY A 269 7.66 -12.81 -8.53
CA GLY A 269 8.03 -12.93 -7.14
C GLY A 269 9.28 -12.15 -6.78
N ILE A 270 9.48 -11.01 -7.42
CA ILE A 270 10.57 -10.10 -7.13
C ILE A 270 10.10 -9.09 -6.09
N GLN A 271 10.69 -9.14 -4.88
CA GLN A 271 10.19 -8.34 -3.77
C GLN A 271 10.64 -6.87 -3.87
N GLN A 272 10.04 -6.19 -4.85
CA GLN A 272 10.36 -4.77 -5.10
C GLN A 272 9.84 -3.85 -3.99
N THR A 273 8.74 -4.23 -3.35
CA THR A 273 8.12 -3.42 -2.34
C THR A 273 8.46 -3.85 -0.91
N ALA A 274 9.17 -4.97 -0.74
CA ALA A 274 9.59 -5.46 0.57
C ALA A 274 11.01 -4.99 0.86
N GLY A 275 11.39 -5.10 2.14
CA GLY A 275 12.69 -4.70 2.55
C GLY A 275 12.74 -3.24 2.92
N GLY A 276 11.95 -2.41 2.23
CA GLY A 276 11.71 -1.01 2.58
C GLY A 276 12.66 0.06 2.03
N GLY A 277 13.51 -0.25 1.05
CA GLY A 277 14.46 0.73 0.59
C GLY A 277 13.76 1.94 0.03
N HIS A 278 14.51 3.02 -0.13
CA HIS A 278 13.87 4.22 -0.65
C HIS A 278 13.11 3.87 -1.92
N ALA A 279 13.73 3.07 -2.77
CA ALA A 279 13.04 2.66 -3.96
C ALA A 279 11.88 1.76 -3.65
N ALA A 280 11.99 0.97 -2.59
CA ALA A 280 10.91 0.04 -2.38
C ALA A 280 9.65 0.79 -1.99
N GLN A 281 9.79 1.83 -1.16
CA GLN A 281 8.59 2.53 -0.72
C GLN A 281 7.98 3.28 -1.89
N PHE A 282 8.83 3.89 -2.70
CA PHE A 282 8.32 4.71 -3.79
C PHE A 282 7.42 3.92 -4.75
N LEU A 283 7.73 2.66 -5.01
CA LEU A 283 6.85 1.86 -5.85
C LEU A 283 5.57 1.49 -5.14
N GLN A 284 5.62 1.29 -3.82
CA GLN A 284 4.40 0.99 -3.11
C GLN A 284 3.51 2.22 -3.08
N ASP A 285 4.11 3.39 -2.89
CA ASP A 285 3.32 4.58 -2.82
C ASP A 285 2.63 4.83 -4.16
N MET A 286 3.36 4.71 -5.26
CA MET A 286 2.70 5.02 -6.51
C MET A 286 1.58 4.04 -6.85
N ARG A 287 1.46 2.92 -6.17
CA ARG A 287 0.29 2.11 -6.45
C ARG A 287 -0.98 2.88 -6.13
N ARG A 288 -0.92 3.79 -5.15
CA ARG A 288 -2.13 4.52 -4.74
C ARG A 288 -2.53 5.55 -5.77
N TYR A 289 -1.65 5.80 -6.73
CA TYR A 289 -1.86 6.71 -7.83
C TYR A 289 -2.31 6.00 -9.07
N MET A 290 -2.64 4.75 -8.98
CA MET A 290 -3.22 4.01 -10.09
C MET A 290 -4.71 3.88 -9.94
N PRO A 291 -5.41 3.62 -11.03
CA PRO A 291 -6.83 3.35 -10.93
C PRO A 291 -7.07 2.32 -9.86
N PRO A 292 -8.18 2.43 -9.15
CA PRO A 292 -8.41 1.45 -8.09
C PRO A 292 -8.35 0.03 -8.64
N ALA A 293 -9.08 -0.28 -9.71
CA ALA A 293 -9.06 -1.64 -10.27
C ALA A 293 -7.65 -2.08 -10.61
N HIS A 294 -6.79 -1.16 -11.04
CA HIS A 294 -5.47 -1.66 -11.41
C HIS A 294 -4.63 -1.87 -10.18
N ARG A 295 -4.84 -1.08 -9.10
CA ARG A 295 -4.09 -1.33 -7.89
C ARG A 295 -4.54 -2.67 -7.29
N ASN A 296 -5.80 -3.01 -7.51
CA ASN A 296 -6.38 -4.23 -6.97
C ASN A 296 -5.82 -5.43 -7.67
N PHE A 297 -5.50 -5.26 -8.94
CA PHE A 297 -4.97 -6.38 -9.70
C PHE A 297 -3.58 -6.74 -9.21
N LEU A 298 -2.71 -5.74 -9.06
CA LEU A 298 -1.39 -6.02 -8.50
C LEU A 298 -1.49 -6.65 -7.11
N CYS A 299 -2.36 -6.14 -6.28
CA CYS A 299 -2.39 -6.64 -4.92
C CYS A 299 -2.82 -8.10 -4.90
N SER A 300 -3.77 -8.47 -5.75
CA SER A 300 -4.25 -9.84 -5.81
C SER A 300 -3.25 -10.78 -6.45
N LEU A 301 -2.27 -10.25 -7.19
CA LEU A 301 -1.12 -11.07 -7.59
C LEU A 301 -0.25 -11.46 -6.38
N GLU A 302 0.04 -10.52 -5.46
CA GLU A 302 0.82 -10.87 -4.27
C GLU A 302 0.13 -11.96 -3.48
N SER A 303 -1.19 -12.12 -3.68
CA SER A 303 -2.03 -13.10 -2.99
C SER A 303 -1.90 -14.50 -3.54
N ASN A 304 -1.64 -14.63 -4.83
CA ASN A 304 -1.45 -15.94 -5.42
C ASN A 304 -0.08 -16.47 -5.01
N PRO A 305 0.07 -17.78 -4.94
CA PRO A 305 1.38 -18.34 -4.52
C PRO A 305 2.48 -18.02 -5.53
N SER A 306 3.70 -17.92 -5.00
CA SER A 306 4.83 -17.33 -5.72
C SER A 306 5.24 -18.17 -6.92
N VAL A 307 5.41 -17.51 -8.07
CA VAL A 307 5.96 -18.20 -9.23
C VAL A 307 7.43 -18.56 -8.97
N ARG A 308 8.20 -17.68 -8.34
CA ARG A 308 9.60 -17.98 -8.07
C ARG A 308 9.73 -19.23 -7.17
N GLU A 309 8.98 -19.29 -6.06
CA GLU A 309 9.12 -20.42 -5.15
C GLU A 309 8.76 -21.72 -5.84
N PHE A 310 7.80 -21.68 -6.74
CA PHE A 310 7.42 -22.90 -7.41
C PHE A 310 8.53 -23.38 -8.33
N VAL A 311 9.12 -22.46 -9.09
CA VAL A 311 10.12 -22.88 -10.07
C VAL A 311 11.37 -23.35 -9.38
N LEU A 312 11.73 -22.68 -8.29
CA LEU A 312 12.88 -23.05 -7.50
C LEU A 312 12.72 -24.40 -6.88
N SER A 313 11.47 -24.84 -6.72
CA SER A 313 11.24 -26.06 -6.00
C SER A 313 11.45 -27.28 -6.89
N LYS A 314 11.33 -27.11 -8.19
CA LYS A 314 11.10 -28.28 -9.02
C LYS A 314 12.38 -28.95 -9.56
N GLY A 315 13.51 -28.24 -9.54
CA GLY A 315 14.73 -28.84 -10.09
C GLY A 315 14.68 -29.07 -11.58
N ASP A 316 13.96 -28.23 -12.28
CA ASP A 316 13.59 -28.44 -13.68
C ASP A 316 14.28 -27.34 -14.47
N ALA A 317 15.37 -27.70 -15.13
CA ALA A 317 16.15 -26.69 -15.85
C ALA A 317 15.36 -25.99 -16.94
N GLY A 318 14.40 -26.66 -17.56
CA GLY A 318 13.62 -26.00 -18.57
C GLY A 318 12.80 -24.87 -17.98
N LEU A 319 12.15 -25.13 -16.83
CA LEU A 319 11.41 -24.08 -16.17
C LEU A 319 12.30 -22.97 -15.71
N ARG A 320 13.53 -23.28 -15.34
CA ARG A 320 14.40 -22.21 -14.90
C ARG A 320 14.79 -21.32 -16.07
N GLU A 321 15.23 -21.91 -17.20
CA GLU A 321 15.63 -21.09 -18.36
C GLU A 321 14.43 -20.26 -18.82
N ALA A 322 13.24 -20.82 -18.69
CA ALA A 322 12.04 -20.13 -19.11
C ALA A 322 11.72 -18.98 -18.19
N TYR A 323 11.80 -19.23 -16.90
CA TYR A 323 11.65 -18.15 -15.96
C TYR A 323 12.73 -17.13 -16.18
N ASP A 324 13.99 -17.57 -16.39
CA ASP A 324 15.06 -16.59 -16.61
C ASP A 324 14.77 -15.73 -17.83
N ALA A 325 14.11 -16.28 -18.84
CA ALA A 325 13.91 -15.48 -20.03
C ALA A 325 13.02 -14.28 -19.70
N CYS A 326 11.98 -14.50 -18.89
CA CYS A 326 11.12 -13.39 -18.51
C CYS A 326 11.87 -12.38 -17.69
N VAL A 327 12.71 -12.85 -16.78
CA VAL A 327 13.50 -11.96 -15.96
C VAL A 327 14.53 -11.21 -16.79
N LYS A 328 15.21 -11.91 -17.72
CA LYS A 328 16.21 -11.25 -18.55
C LYS A 328 15.56 -10.20 -19.44
N ALA A 329 14.37 -10.48 -19.96
CA ALA A 329 13.68 -9.49 -20.78
C ALA A 329 13.44 -8.23 -19.98
N LEU A 330 13.01 -8.40 -18.73
CA LEU A 330 12.77 -7.21 -17.90
C LEU A 330 14.07 -6.48 -17.66
N VAL A 331 15.17 -7.23 -17.55
CA VAL A 331 16.42 -6.51 -17.35
C VAL A 331 16.71 -5.65 -18.55
N SER A 332 16.30 -6.12 -19.74
CA SER A 332 16.51 -5.35 -20.95
C SER A 332 15.68 -4.07 -20.91
N LEU A 333 14.44 -4.20 -20.46
CA LEU A 333 13.60 -2.99 -20.36
C LEU A 333 14.16 -2.00 -19.32
N ARG A 334 14.69 -2.50 -18.21
CA ARG A 334 15.29 -1.53 -17.32
C ARG A 334 16.56 -0.96 -17.92
N SER A 335 17.35 -1.76 -18.65
CA SER A 335 18.61 -1.18 -19.10
C SER A 335 18.33 -0.14 -20.16
N TYR A 336 17.34 -0.40 -21.03
CA TYR A 336 17.05 0.55 -22.08
C TYR A 336 16.54 1.85 -21.51
N HIS A 337 15.71 1.76 -20.46
CA HIS A 337 15.25 2.95 -19.73
C HIS A 337 16.44 3.72 -19.16
N LEU A 338 17.38 3.02 -18.57
CA LEU A 338 18.55 3.76 -18.13
C LEU A 338 19.17 4.51 -19.29
N GLN A 339 19.20 3.91 -20.48
CA GLN A 339 19.79 4.61 -21.62
C GLN A 339 18.96 5.83 -21.96
N ILE A 340 17.64 5.68 -21.91
CA ILE A 340 16.78 6.81 -22.23
C ILE A 340 17.00 7.95 -21.26
N VAL A 341 17.01 7.65 -19.96
CA VAL A 341 17.20 8.75 -19.01
C VAL A 341 18.55 9.42 -19.20
N THR A 342 19.52 8.71 -19.71
CA THR A 342 20.78 9.38 -19.98
C THR A 342 20.61 10.36 -21.12
N LYS A 343 20.02 9.90 -22.22
CA LYS A 343 19.91 10.73 -23.40
C LYS A 343 18.98 11.91 -23.11
N TYR A 344 17.92 11.67 -22.36
CA TYR A 344 16.85 12.67 -22.25
C TYR A 344 16.91 13.51 -20.97
N ILE A 345 17.80 13.24 -20.02
CA ILE A 345 17.83 14.16 -18.89
C ILE A 345 19.23 14.55 -18.48
N LEU A 346 20.04 13.55 -18.17
CA LEU A 346 21.28 13.84 -17.47
C LEU A 346 22.23 14.67 -18.33
N ILE A 347 22.22 14.46 -19.64
CA ILE A 347 23.11 15.18 -20.55
C ILE A 347 22.61 16.62 -20.68
N PRO A 348 21.36 16.84 -21.07
CA PRO A 348 20.81 18.21 -21.08
C PRO A 348 21.01 18.94 -19.79
N ALA A 349 20.77 18.26 -18.67
CA ALA A 349 20.87 18.87 -17.35
C ALA A 349 22.30 19.35 -17.08
N SER A 350 23.28 18.70 -17.71
CA SER A 350 24.67 19.08 -17.67
C SER A 350 24.97 20.26 -18.58
N GLN A 351 24.00 20.74 -19.38
CA GLN A 351 24.21 21.88 -20.25
C GLN A 351 23.48 23.15 -19.81
N GLN A 352 22.62 23.08 -18.80
CA GLN A 352 21.92 24.26 -18.28
C GLN A 352 22.74 24.81 -17.11
N PRO A 353 23.33 26.03 -17.21
CA PRO A 353 24.18 26.54 -16.11
C PRO A 353 23.39 27.17 -14.96
N GLY A 371 15.22 14.38 -8.09
CA GLY A 371 15.46 15.40 -9.10
C GLY A 371 15.96 14.82 -10.40
N GLY A 372 17.15 15.24 -10.82
CA GLY A 372 17.77 14.71 -12.01
C GLY A 372 18.31 13.31 -11.78
N THR A 373 19.14 13.16 -10.74
CA THR A 373 19.82 11.89 -10.47
C THR A 373 19.08 10.97 -9.52
N ASP A 374 18.22 11.49 -8.64
CA ASP A 374 17.49 10.58 -7.75
C ASP A 374 16.75 9.56 -8.56
N LEU A 375 16.43 9.91 -9.79
CA LEU A 375 15.75 9.02 -10.72
C LEU A 375 16.66 7.90 -11.20
N MET A 376 17.92 8.21 -11.47
CA MET A 376 18.86 7.20 -11.92
C MET A 376 19.10 6.17 -10.83
N ASN A 377 19.29 6.62 -9.58
CA ASN A 377 19.49 5.67 -8.49
C ASN A 377 18.33 4.70 -8.46
N PHE A 378 17.13 5.25 -8.52
CA PHE A 378 15.93 4.43 -8.43
C PHE A 378 15.99 3.31 -9.49
N LEU A 379 16.35 3.65 -10.72
CA LEU A 379 16.40 2.63 -11.76
C LEU A 379 17.63 1.69 -11.63
N LYS A 380 18.78 2.20 -11.21
CA LYS A 380 19.90 1.28 -11.00
C LYS A 380 19.51 0.25 -9.95
N THR A 381 18.75 0.68 -8.93
CA THR A 381 18.24 -0.20 -7.90
C THR A 381 17.22 -1.16 -8.47
N VAL A 382 16.23 -0.63 -9.21
CA VAL A 382 15.20 -1.48 -9.78
C VAL A 382 15.81 -2.49 -10.73
N ARG A 383 16.82 -2.07 -11.46
CA ARG A 383 17.49 -2.99 -12.37
C ARG A 383 18.34 -4.00 -11.58
N SER A 384 19.13 -3.53 -10.62
CA SER A 384 20.00 -4.41 -9.87
C SER A 384 19.18 -5.43 -9.10
N THR A 385 17.98 -5.05 -8.67
CA THR A 385 17.13 -5.98 -7.96
C THR A 385 16.49 -6.98 -8.90
N THR A 386 16.20 -6.57 -10.13
CA THR A 386 15.75 -7.51 -11.13
C THR A 386 16.87 -8.44 -11.59
N GLU A 387 18.05 -7.91 -11.92
CA GLU A 387 19.15 -8.80 -12.32
C GLU A 387 19.49 -9.78 -11.19
N LYS A 388 19.45 -9.36 -9.92
CA LYS A 388 19.75 -10.33 -8.86
C LYS A 388 18.60 -11.32 -8.64
N SER A 389 17.46 -11.17 -9.30
CA SER A 389 16.35 -12.11 -9.14
C SER A 389 16.47 -13.31 -10.09
N LEU A 390 17.58 -13.40 -10.83
CA LEU A 390 17.93 -14.47 -11.77
C LEU A 390 18.53 -15.70 -11.08
N LEU A 391 18.51 -16.80 -11.84
CA LEU A 391 18.96 -18.10 -11.38
C LEU A 391 20.29 -18.53 -11.99
N LYS A 392 20.40 -18.70 -13.30
CA LYS A 392 21.68 -19.15 -13.86
C LYS A 392 22.51 -17.90 -14.29
N MET B 1 -19.37 -18.85 4.56
CA MET B 1 -18.09 -18.83 5.26
C MET B 1 -16.98 -18.22 4.38
N ILE B 2 -15.98 -17.64 5.05
CA ILE B 2 -14.76 -17.05 4.46
C ILE B 2 -13.75 -18.14 4.09
N SER B 3 -12.92 -17.83 3.10
CA SER B 3 -11.95 -18.80 2.59
C SER B 3 -10.84 -19.10 3.58
N LYS B 4 -10.46 -20.38 3.63
CA LYS B 4 -9.45 -20.81 4.58
C LYS B 4 -8.07 -20.28 4.22
N GLU B 5 -7.85 -19.90 2.97
CA GLU B 5 -6.54 -19.34 2.65
C GLU B 5 -6.31 -17.96 3.29
N TYR B 6 -7.31 -17.36 3.93
CA TYR B 6 -7.09 -16.11 4.64
C TYR B 6 -6.84 -16.28 6.13
N HIS B 7 -6.93 -17.49 6.68
CA HIS B 7 -6.56 -17.72 8.08
C HIS B 7 -7.35 -16.84 9.04
N ILE B 8 -8.65 -16.78 8.83
CA ILE B 8 -9.54 -16.18 9.80
C ILE B 8 -10.37 -17.29 10.42
N ASP B 9 -10.44 -17.28 11.74
CA ASP B 9 -11.05 -18.36 12.49
C ASP B 9 -12.52 -18.06 12.74
N GLU B 10 -13.37 -19.08 12.62
CA GLU B 10 -14.78 -18.88 12.91
C GLU B 10 -14.99 -18.37 14.34
N GLU B 11 -14.16 -18.81 15.29
CA GLU B 11 -14.31 -18.39 16.68
C GLU B 11 -13.54 -17.09 17.03
N VAL B 12 -12.24 -17.05 16.79
CA VAL B 12 -11.35 -15.99 17.29
C VAL B 12 -10.90 -15.00 16.20
N GLY B 13 -11.40 -15.10 14.99
CA GLY B 13 -11.01 -14.13 13.98
C GLY B 13 -9.59 -14.15 13.48
N PHE B 14 -8.94 -13.00 13.66
CA PHE B 14 -7.57 -12.84 13.19
C PHE B 14 -6.58 -13.39 14.17
N ALA B 15 -7.03 -13.67 15.38
CA ALA B 15 -6.17 -14.29 16.32
C ALA B 15 -5.77 -15.68 15.81
N LEU B 16 -4.65 -16.16 16.35
CA LEU B 16 -4.18 -17.49 16.07
C LEU B 16 -4.88 -18.48 16.97
N PRO B 17 -5.57 -19.50 16.45
CA PRO B 17 -6.39 -20.33 17.33
C PRO B 17 -5.55 -21.36 18.07
N ASN B 18 -5.76 -21.45 19.40
CA ASN B 18 -5.01 -22.33 20.28
C ASN B 18 -3.53 -22.30 19.90
N PRO B 19 -2.81 -21.22 20.19
CA PRO B 19 -1.39 -21.14 19.83
C PRO B 19 -0.52 -21.99 20.73
N GLN B 20 0.54 -22.49 20.13
CA GLN B 20 1.39 -23.45 20.81
C GLN B 20 2.08 -22.79 21.99
N GLU B 21 2.21 -23.55 23.08
CA GLU B 21 2.88 -23.06 24.27
C GLU B 21 4.37 -23.40 24.32
N ASN B 22 4.82 -24.43 23.56
CA ASN B 22 6.18 -24.94 23.67
C ASN B 22 6.76 -25.33 22.31
N LEU B 23 8.04 -24.95 22.08
CA LEU B 23 8.86 -25.42 20.96
C LEU B 23 9.60 -26.72 21.28
N PRO B 24 9.99 -27.43 20.25
CA PRO B 24 10.80 -28.64 20.44
C PRO B 24 11.94 -28.49 21.42
N ASP B 25 12.39 -29.62 21.98
CA ASP B 25 13.49 -29.54 22.92
C ASP B 25 14.71 -28.92 22.25
N PHE B 26 14.76 -28.96 20.91
CA PHE B 26 15.91 -28.41 20.21
C PHE B 26 16.18 -26.97 20.61
N TYR B 27 15.14 -26.20 20.89
CA TYR B 27 15.26 -24.78 21.15
C TYR B 27 15.26 -24.46 22.62
N ASN B 28 15.60 -25.43 23.46
CA ASN B 28 15.49 -25.18 24.88
C ASN B 28 16.35 -24.02 25.33
N ASP B 29 17.33 -23.58 24.53
CA ASP B 29 18.11 -22.40 24.91
C ASP B 29 17.37 -21.11 24.60
N TRP B 30 16.64 -21.06 23.49
CA TRP B 30 15.78 -19.91 23.22
C TRP B 30 14.65 -19.89 24.24
N MET B 31 14.00 -21.03 24.40
CA MET B 31 12.84 -21.11 25.28
C MET B 31 13.17 -20.61 26.68
N PHE B 32 14.41 -20.80 27.10
CA PHE B 32 14.74 -20.45 28.48
C PHE B 32 14.80 -18.95 28.67
N ILE B 33 15.51 -18.26 27.79
CA ILE B 33 15.72 -16.83 27.98
C ILE B 33 14.41 -16.08 27.94
N ALA B 34 13.60 -16.37 26.93
CA ALA B 34 12.37 -15.62 26.77
C ALA B 34 11.48 -15.77 27.97
N LYS B 35 11.58 -16.90 28.65
CA LYS B 35 10.78 -17.21 29.81
C LYS B 35 11.24 -16.47 31.06
N HIS B 36 12.37 -15.74 31.01
CA HIS B 36 12.92 -15.14 32.23
C HIS B 36 13.42 -13.71 31.98
N LEU B 37 12.84 -13.03 30.99
CA LEU B 37 13.23 -11.65 30.66
C LEU B 37 13.17 -10.71 31.86
N PRO B 38 12.19 -10.79 32.75
CA PRO B 38 12.21 -9.95 33.96
C PRO B 38 13.47 -10.08 34.79
N ASP B 39 13.83 -11.30 35.24
CA ASP B 39 15.01 -11.46 36.11
C ASP B 39 16.31 -11.09 35.37
N LEU B 40 16.45 -11.57 34.13
CA LEU B 40 17.68 -11.37 33.35
C LEU B 40 17.88 -9.94 32.94
N ILE B 41 16.80 -9.24 32.67
CA ILE B 41 16.90 -7.81 32.43
C ILE B 41 17.25 -7.12 33.73
N GLU B 42 16.51 -7.44 34.79
CA GLU B 42 16.69 -6.76 36.05
C GLU B 42 18.09 -6.99 36.59
N SER B 43 18.56 -8.23 36.53
CA SER B 43 19.91 -8.49 37.01
C SER B 43 20.95 -7.89 36.11
N GLY B 44 20.68 -7.82 34.81
CA GLY B 44 21.62 -7.35 33.81
C GLY B 44 22.44 -8.39 33.09
N GLN B 45 21.93 -9.61 32.94
CA GLN B 45 22.68 -10.67 32.30
C GLN B 45 22.00 -11.13 31.03
N LEU B 46 21.02 -10.36 30.55
CA LEU B 46 20.38 -10.70 29.29
C LEU B 46 21.33 -10.53 28.12
N ARG B 47 22.04 -9.42 28.05
CA ARG B 47 22.93 -9.26 26.91
C ARG B 47 24.12 -10.23 26.96
N GLU B 48 24.72 -10.48 28.14
CA GLU B 48 25.80 -11.47 28.20
C GLU B 48 25.30 -12.85 27.79
N ARG B 49 24.12 -13.22 28.29
CA ARG B 49 23.56 -14.54 28.02
C ARG B 49 23.22 -14.70 26.55
N VAL B 50 22.52 -13.71 26.00
CA VAL B 50 22.27 -13.64 24.56
C VAL B 50 23.57 -13.74 23.77
N GLU B 51 24.56 -12.97 24.18
CA GLU B 51 25.78 -12.95 23.40
C GLU B 51 26.51 -14.30 23.51
N LYS B 52 26.23 -15.08 24.55
CA LYS B 52 26.85 -16.41 24.68
C LYS B 52 25.97 -17.51 24.11
N LEU B 53 25.23 -17.23 23.05
CA LEU B 53 24.48 -18.27 22.35
C LEU B 53 25.12 -18.65 21.03
N ASN B 54 24.78 -19.83 20.53
CA ASN B 54 25.20 -20.27 19.20
C ASN B 54 24.21 -19.84 18.13
N MET B 55 24.71 -19.74 16.92
CA MET B 55 23.85 -19.46 15.79
C MET B 55 23.15 -20.74 15.41
N LEU B 56 21.88 -20.88 15.81
CA LEU B 56 21.06 -22.05 15.51
C LEU B 56 20.33 -21.96 14.16
N SER B 57 19.87 -23.12 13.69
CA SER B 57 19.08 -23.29 12.47
C SER B 57 17.58 -23.18 12.75
N ILE B 58 16.81 -22.74 11.74
CA ILE B 58 15.36 -22.61 11.88
C ILE B 58 14.58 -23.83 11.35
N ASP B 59 15.26 -24.88 10.86
CA ASP B 59 14.60 -25.93 10.08
C ASP B 59 13.76 -26.91 10.88
N HIS B 60 13.86 -26.92 12.19
CA HIS B 60 13.10 -27.86 13.00
C HIS B 60 11.80 -27.27 13.48
N LEU B 61 11.41 -26.16 12.89
CA LEU B 61 10.14 -25.53 13.13
C LEU B 61 9.24 -25.94 11.97
N THR B 62 8.35 -26.91 12.19
CA THR B 62 7.67 -27.58 11.09
C THR B 62 6.32 -26.92 10.78
N ASP B 63 5.37 -26.93 11.73
CA ASP B 63 4.05 -26.36 11.47
C ASP B 63 4.04 -24.84 11.68
N HIS B 64 3.01 -24.19 11.12
CA HIS B 64 2.90 -22.73 11.22
C HIS B 64 2.92 -22.27 12.68
N LYS B 65 2.17 -22.95 13.55
CA LYS B 65 1.97 -22.41 14.90
C LYS B 65 3.29 -22.31 15.65
N SER B 66 4.16 -23.30 15.46
CA SER B 66 5.46 -23.33 16.08
C SER B 66 6.42 -22.32 15.46
N GLN B 67 6.23 -22.02 14.18
CA GLN B 67 7.02 -20.95 13.58
C GLN B 67 6.59 -19.58 14.12
N ARG B 68 5.29 -19.37 14.40
CA ARG B 68 4.85 -18.11 14.95
C ARG B 68 5.29 -17.99 16.41
N LEU B 69 5.28 -19.11 17.15
CA LEU B 69 5.72 -19.11 18.54
C LEU B 69 7.19 -18.81 18.62
N ALA B 70 7.96 -19.28 17.65
CA ALA B 70 9.36 -18.94 17.60
C ALA B 70 9.53 -17.47 17.26
N ARG B 71 8.73 -16.96 16.33
CA ARG B 71 8.89 -15.56 15.94
C ARG B 71 8.44 -14.65 17.04
N LEU B 72 7.63 -15.17 17.95
CA LEU B 72 7.27 -14.42 19.14
C LEU B 72 8.42 -14.44 20.15
N VAL B 73 9.05 -15.59 20.32
CA VAL B 73 10.13 -15.71 21.29
C VAL B 73 11.31 -14.81 20.90
N LEU B 74 11.72 -14.86 19.64
CA LEU B 74 12.88 -14.07 19.22
C LEU B 74 12.63 -12.57 19.27
N GLY B 75 11.42 -12.15 18.97
CA GLY B 75 11.19 -10.71 18.92
C GLY B 75 11.23 -10.06 20.28
N CYS B 76 10.74 -10.78 21.29
CA CYS B 76 10.80 -10.27 22.67
C CYS B 76 12.26 -10.21 23.15
N ILE B 77 13.04 -11.24 22.82
CA ILE B 77 14.46 -11.25 23.14
C ILE B 77 15.15 -10.06 22.47
N THR B 78 14.73 -9.75 21.24
CA THR B 78 15.38 -8.66 20.52
C THR B 78 15.08 -7.33 21.22
N MET B 79 13.83 -7.17 21.70
CA MET B 79 13.45 -5.91 22.32
C MET B 79 14.14 -5.75 23.66
N ALA B 80 14.21 -6.85 24.42
CA ALA B 80 15.00 -6.91 25.63
C ALA B 80 16.48 -6.69 25.36
N TYR B 81 17.03 -7.24 24.28
CA TYR B 81 18.45 -7.03 23.97
C TYR B 81 18.72 -5.58 23.56
N VAL B 82 17.89 -5.02 22.69
CA VAL B 82 18.13 -3.66 22.21
C VAL B 82 17.95 -2.64 23.32
N TRP B 83 16.78 -2.67 24.01
CA TRP B 83 16.38 -1.61 24.94
C TRP B 83 16.89 -1.83 26.36
N GLY B 84 17.29 -3.06 26.70
CA GLY B 84 17.97 -3.30 27.97
C GLY B 84 17.06 -3.20 29.18
N LYS B 85 17.49 -2.41 30.17
CA LYS B 85 16.62 -2.15 31.31
C LYS B 85 15.49 -1.17 30.96
N GLY B 86 15.45 -0.69 29.73
CA GLY B 86 14.46 0.28 29.37
C GLY B 86 14.72 1.70 29.86
N HIS B 87 15.99 2.10 30.01
CA HIS B 87 16.36 3.41 30.52
C HIS B 87 17.40 4.08 29.64
N GLY B 88 17.59 3.61 28.40
CA GLY B 88 18.39 4.33 27.41
C GLY B 88 19.76 3.77 27.09
N ASP B 89 20.21 2.66 27.71
CA ASP B 89 21.48 2.01 27.34
C ASP B 89 21.22 1.07 26.14
N VAL B 90 21.43 1.57 24.93
CA VAL B 90 20.84 0.96 23.74
C VAL B 90 21.94 0.20 23.00
N ARG B 91 21.63 -1.01 22.59
CA ARG B 91 22.53 -1.75 21.72
C ARG B 91 22.06 -1.55 20.28
N LYS B 92 22.99 -1.15 19.42
CA LYS B 92 22.71 -0.88 18.01
C LYS B 92 23.07 -2.03 17.09
N VAL B 93 23.61 -3.13 17.62
CA VAL B 93 24.05 -4.24 16.79
C VAL B 93 23.41 -5.49 17.34
N LEU B 94 22.71 -6.15 16.54
CA LEU B 94 22.09 -7.36 17.00
C LEU B 94 23.02 -8.54 16.72
N PRO B 95 23.33 -9.36 17.71
CA PRO B 95 24.37 -10.40 17.53
C PRO B 95 24.08 -11.40 16.42
N ARG B 96 25.11 -11.69 15.62
CA ARG B 96 24.93 -12.63 14.53
C ARG B 96 24.22 -13.88 15.03
N ASN B 97 24.66 -14.40 16.17
CA ASN B 97 24.11 -15.63 16.71
C ASN B 97 22.60 -15.59 16.69
N ILE B 98 22.04 -14.44 16.97
CA ILE B 98 20.61 -14.34 17.07
C ILE B 98 20.02 -13.58 15.92
N ALA B 99 20.73 -12.59 15.39
CA ALA B 99 20.18 -11.75 14.34
C ALA B 99 19.92 -12.56 13.09
N VAL B 100 20.89 -13.37 12.68
CA VAL B 100 20.75 -14.08 11.42
C VAL B 100 19.50 -14.96 11.48
N PRO B 101 19.37 -15.86 12.44
CA PRO B 101 18.20 -16.74 12.45
C PRO B 101 16.87 -16.02 12.58
N TYR B 102 16.81 -14.94 13.34
CA TYR B 102 15.56 -14.20 13.41
C TYR B 102 15.21 -13.70 12.04
N CYS B 103 16.21 -13.19 11.30
CA CYS B 103 15.98 -12.66 9.95
C CYS B 103 15.62 -13.77 8.97
N GLN B 104 16.05 -14.99 9.24
CA GLN B 104 15.74 -16.11 8.36
C GLN B 104 14.26 -16.49 8.47
N LEU B 105 13.73 -16.45 9.69
CA LEU B 105 12.36 -16.85 9.92
C LEU B 105 11.38 -15.78 9.45
N SER B 106 11.78 -14.52 9.54
CA SER B 106 10.92 -13.43 9.08
C SER B 106 10.72 -13.51 7.57
N LYS B 107 11.80 -13.67 6.81
CA LYS B 107 11.66 -13.78 5.36
C LYS B 107 10.70 -14.89 4.99
N LYS B 108 10.79 -16.04 5.66
CA LYS B 108 9.89 -17.14 5.34
C LYS B 108 8.45 -16.76 5.55
N LEU B 109 8.17 -16.01 6.61
CA LEU B 109 6.80 -15.66 6.97
C LEU B 109 6.36 -14.32 6.35
N GLU B 110 7.20 -13.68 5.54
CA GLU B 110 6.81 -12.43 4.90
C GLU B 110 6.52 -11.34 5.93
N LEU B 111 7.16 -11.42 7.09
CA LEU B 111 7.09 -10.42 8.14
C LEU B 111 8.46 -9.79 8.41
N PRO B 112 8.51 -8.63 9.06
CA PRO B 112 9.81 -8.00 9.41
C PRO B 112 10.45 -8.56 10.68
N PRO B 113 11.92 -8.42 10.78
CA PRO B 113 12.65 -8.77 11.99
C PRO B 113 12.49 -7.71 13.08
N ILE B 114 11.23 -7.52 13.49
CA ILE B 114 10.89 -6.74 14.65
C ILE B 114 9.60 -7.33 15.17
N LEU B 115 9.41 -7.16 16.47
CA LEU B 115 8.18 -7.59 17.12
C LEU B 115 7.00 -6.73 16.66
N VAL B 116 5.98 -7.38 16.13
CA VAL B 116 4.79 -6.68 15.71
C VAL B 116 3.58 -7.21 16.50
N TYR B 117 2.45 -6.56 16.30
CA TYR B 117 1.23 -6.92 17.01
C TYR B 117 0.77 -8.34 16.74
N ALA B 118 1.01 -8.88 15.56
CA ALA B 118 0.44 -10.20 15.32
C ALA B 118 1.19 -11.28 16.10
N ASP B 119 2.40 -10.98 16.60
CA ASP B 119 3.13 -11.89 17.51
C ASP B 119 2.63 -11.81 18.95
N CYS B 120 2.92 -10.68 19.62
CA CYS B 120 2.71 -10.47 21.03
C CYS B 120 1.27 -10.22 21.40
N VAL B 121 0.32 -10.23 20.44
CA VAL B 121 -1.09 -10.22 20.73
C VAL B 121 -1.82 -11.40 20.11
N LEU B 122 -1.53 -11.75 18.87
CA LEU B 122 -2.39 -12.75 18.26
C LEU B 122 -1.90 -14.16 18.55
N ALA B 123 -0.63 -14.28 18.89
CA ALA B 123 0.03 -15.56 19.09
C ALA B 123 0.48 -15.73 20.53
N ASN B 124 0.13 -14.79 21.40
CA ASN B 124 0.70 -14.78 22.73
C ASN B 124 -0.30 -15.06 23.85
N TRP B 125 -1.02 -16.18 23.83
CA TRP B 125 -2.09 -16.37 24.79
C TRP B 125 -2.35 -17.86 25.02
N LYS B 126 -3.02 -18.11 26.13
CA LYS B 126 -3.36 -19.45 26.62
C LYS B 126 -4.76 -19.40 27.22
N LYS B 127 -5.53 -20.46 27.02
CA LYS B 127 -6.78 -20.58 27.76
C LYS B 127 -6.40 -21.27 29.05
N LYS B 128 -6.70 -20.67 30.19
CA LYS B 128 -6.31 -21.32 31.43
C LYS B 128 -6.99 -22.68 31.56
N ASP B 129 -8.30 -22.71 31.45
CA ASP B 129 -9.05 -23.96 31.40
C ASP B 129 -9.58 -24.13 29.99
N PRO B 130 -9.02 -25.04 29.18
CA PRO B 130 -9.55 -25.25 27.83
C PRO B 130 -11.05 -25.47 27.82
N ASN B 131 -11.55 -26.12 28.87
CA ASN B 131 -12.97 -26.43 28.98
C ASN B 131 -13.80 -25.18 29.22
N LYS B 132 -13.19 -24.12 29.79
CA LYS B 132 -13.76 -22.83 30.14
C LYS B 132 -13.72 -21.83 28.98
N PRO B 133 -14.49 -20.76 29.09
CA PRO B 133 -14.61 -19.79 28.00
C PRO B 133 -13.47 -18.79 27.93
N LEU B 134 -13.52 -17.97 26.88
CA LEU B 134 -12.50 -16.94 26.61
C LEU B 134 -12.83 -15.62 27.30
N THR B 135 -12.65 -15.60 28.62
CA THR B 135 -12.69 -14.36 29.38
C THR B 135 -11.32 -14.00 29.92
N TYR B 136 -11.20 -12.74 30.35
CA TYR B 136 -9.94 -12.33 30.96
C TYR B 136 -9.57 -13.26 32.10
N GLU B 137 -10.55 -13.61 32.95
CA GLU B 137 -10.30 -14.44 34.13
C GLU B 137 -9.85 -15.85 33.76
N ASN B 138 -10.20 -16.32 32.56
CA ASN B 138 -9.79 -17.65 32.13
C ASN B 138 -8.51 -17.63 31.31
N MET B 139 -7.89 -16.48 31.14
CA MET B 139 -6.79 -16.37 30.19
C MET B 139 -5.51 -15.84 30.82
N ASP B 140 -4.40 -16.16 30.17
CA ASP B 140 -3.17 -15.51 30.52
C ASP B 140 -2.38 -15.37 29.23
N VAL B 141 -1.44 -14.45 29.24
CA VAL B 141 -0.51 -14.35 28.13
C VAL B 141 0.65 -15.30 28.42
N LEU B 142 1.46 -15.58 27.40
CA LEU B 142 2.59 -16.49 27.55
C LEU B 142 3.86 -15.78 28.00
N PHE B 143 4.00 -14.48 27.70
CA PHE B 143 5.26 -13.75 27.94
C PHE B 143 5.05 -12.30 28.42
N SER B 144 6.08 -11.77 29.10
CA SER B 144 6.13 -10.42 29.65
C SER B 144 7.58 -9.91 29.59
N PHE B 145 7.75 -8.61 29.84
CA PHE B 145 9.09 -8.01 29.87
C PHE B 145 9.64 -7.80 31.27
N ARG B 146 8.85 -7.19 32.12
CA ARG B 146 9.23 -6.90 33.49
C ARG B 146 8.04 -7.21 34.37
N ASP B 147 8.32 -7.41 35.64
CA ASP B 147 7.24 -7.68 36.56
C ASP B 147 6.39 -6.42 36.70
N GLY B 148 5.08 -6.57 36.54
CA GLY B 148 4.21 -5.40 36.64
C GLY B 148 4.31 -4.43 35.49
N ASP B 149 4.55 -4.90 34.31
CA ASP B 149 4.29 -4.04 33.18
C ASP B 149 2.81 -4.08 32.75
N CYS B 150 1.94 -4.80 33.43
CA CYS B 150 0.55 -4.82 33.02
C CYS B 150 0.38 -5.38 31.62
N SER B 151 1.37 -6.05 31.08
CA SER B 151 1.22 -6.57 29.73
C SER B 151 0.18 -7.68 29.65
N LYS B 152 -0.08 -8.45 30.69
CA LYS B 152 -1.23 -9.33 30.54
C LYS B 152 -2.44 -8.48 30.20
N GLY B 153 -2.63 -7.39 30.94
CA GLY B 153 -3.80 -6.57 30.74
C GLY B 153 -3.81 -5.92 29.37
N PHE B 154 -2.69 -5.31 28.99
CA PHE B 154 -2.67 -4.60 27.71
C PHE B 154 -2.78 -5.53 26.52
N PHE B 155 -2.17 -6.69 26.60
CA PHE B 155 -2.26 -7.60 25.47
C PHE B 155 -3.62 -8.26 25.49
N LEU B 156 -4.03 -8.76 26.66
CA LEU B 156 -5.23 -9.59 26.67
C LEU B 156 -6.44 -8.76 26.33
N VAL B 157 -6.48 -7.51 26.77
CA VAL B 157 -7.65 -6.71 26.48
C VAL B 157 -7.73 -6.47 24.97
N SER B 158 -6.60 -6.07 24.34
CA SER B 158 -6.57 -6.03 22.86
C SER B 158 -7.10 -7.33 22.26
N LEU B 159 -6.55 -8.45 22.70
CA LEU B 159 -6.98 -9.73 22.13
C LEU B 159 -8.47 -9.93 22.35
N LEU B 160 -8.99 -9.47 23.47
CA LEU B 160 -10.41 -9.69 23.66
C LEU B 160 -11.20 -8.81 22.71
N VAL B 161 -10.63 -7.66 22.39
CA VAL B 161 -11.25 -6.80 21.42
C VAL B 161 -11.22 -7.41 20.04
N GLU B 162 -10.08 -7.98 19.63
CA GLU B 162 -10.03 -8.61 18.30
C GLU B 162 -11.05 -9.74 18.21
N ILE B 163 -11.19 -10.49 19.30
CA ILE B 163 -12.15 -11.57 19.37
C ILE B 163 -13.58 -11.05 19.28
N ALA B 164 -13.91 -9.95 19.98
CA ALA B 164 -15.28 -9.41 19.88
C ALA B 164 -15.57 -8.86 18.49
N ALA B 165 -14.52 -8.49 17.75
CA ALA B 165 -14.64 -8.08 16.39
C ALA B 165 -14.83 -9.25 15.43
N ALA B 166 -14.35 -10.44 15.78
CA ALA B 166 -14.53 -11.57 14.89
C ALA B 166 -15.99 -11.80 14.61
N SER B 167 -16.86 -11.49 15.59
CA SER B 167 -18.31 -11.70 15.44
C SER B 167 -18.89 -10.94 14.26
N ALA B 168 -18.27 -9.81 13.88
CA ALA B 168 -18.67 -9.07 12.70
C ALA B 168 -18.02 -9.64 11.44
N ILE B 169 -16.76 -10.08 11.55
CA ILE B 169 -16.04 -10.61 10.39
C ILE B 169 -16.86 -11.68 9.67
N LYS B 170 -17.41 -12.64 10.42
CA LYS B 170 -18.19 -13.70 9.78
C LYS B 170 -19.26 -13.14 8.88
N VAL B 171 -19.68 -11.91 9.13
CA VAL B 171 -20.87 -11.40 8.49
C VAL B 171 -20.56 -10.84 7.12
N ILE B 172 -19.31 -10.41 6.92
CA ILE B 172 -18.92 -9.78 5.65
C ILE B 172 -19.38 -10.57 4.45
N PRO B 173 -19.12 -11.87 4.34
CA PRO B 173 -19.62 -12.63 3.20
C PRO B 173 -21.11 -12.43 3.00
N THR B 174 -21.87 -12.22 4.07
CA THR B 174 -23.30 -12.00 3.90
C THR B 174 -23.55 -10.63 3.27
N VAL B 175 -22.72 -9.66 3.61
CA VAL B 175 -22.85 -8.34 3.03
C VAL B 175 -22.63 -8.39 1.54
N PHE B 176 -21.54 -9.02 1.12
CA PHE B 176 -21.17 -8.89 -0.28
C PHE B 176 -22.09 -9.67 -1.21
N LYS B 177 -22.61 -10.81 -0.74
CA LYS B 177 -23.50 -11.65 -1.54
C LYS B 177 -24.87 -10.97 -1.70
N ALA B 178 -25.31 -10.25 -0.68
CA ALA B 178 -26.60 -9.59 -0.73
C ALA B 178 -26.60 -8.44 -1.74
N MET B 179 -25.44 -7.77 -1.91
CA MET B 179 -25.29 -6.83 -3.02
C MET B 179 -25.36 -7.58 -4.33
N GLN B 180 -24.59 -8.67 -4.42
CA GLN B 180 -24.46 -9.48 -5.62
C GLN B 180 -25.80 -10.07 -6.05
N MET B 181 -26.68 -10.40 -5.11
CA MET B 181 -28.01 -10.90 -5.36
C MET B 181 -29.10 -9.82 -5.21
N GLN B 182 -28.72 -8.58 -4.89
CA GLN B 182 -29.66 -7.45 -4.79
C GLN B 182 -30.73 -7.70 -3.73
N GLU B 183 -30.33 -8.31 -2.61
CA GLU B 183 -31.21 -8.57 -1.45
C GLU B 183 -31.07 -7.45 -0.42
N ARG B 184 -31.93 -6.43 -0.54
CA ARG B 184 -31.85 -5.28 0.35
C ARG B 184 -32.23 -5.68 1.77
N ASP B 185 -33.16 -6.59 1.95
CA ASP B 185 -33.48 -6.95 3.32
C ASP B 185 -32.31 -7.65 3.98
N THR B 186 -31.71 -8.63 3.30
CA THR B 186 -30.60 -9.31 3.96
C THR B 186 -29.44 -8.36 4.22
N LEU B 187 -29.27 -7.38 3.32
CA LEU B 187 -28.16 -6.49 3.47
C LEU B 187 -28.32 -5.61 4.70
N LEU B 188 -29.55 -5.22 5.00
CA LEU B 188 -29.76 -4.30 6.10
C LEU B 188 -29.45 -5.00 7.42
N LYS B 189 -30.02 -6.19 7.60
CA LYS B 189 -29.74 -7.03 8.76
C LYS B 189 -28.25 -7.27 8.95
N ALA B 190 -27.54 -7.52 7.84
CA ALA B 190 -26.12 -7.78 7.96
C ALA B 190 -25.42 -6.58 8.57
N LEU B 191 -25.62 -5.40 8.01
CA LEU B 191 -24.98 -4.22 8.58
C LEU B 191 -25.36 -4.00 10.05
N LEU B 192 -26.58 -4.37 10.49
CA LEU B 192 -26.97 -4.14 11.88
C LEU B 192 -26.30 -5.13 12.80
N GLU B 193 -26.15 -6.38 12.35
CA GLU B 193 -25.42 -7.35 13.16
C GLU B 193 -23.98 -6.91 13.36
N ILE B 194 -23.37 -6.37 12.31
CA ILE B 194 -22.02 -5.86 12.41
C ILE B 194 -21.97 -4.67 13.34
N ALA B 195 -22.95 -3.79 13.27
CA ALA B 195 -22.88 -2.60 14.11
C ALA B 195 -22.89 -3.00 15.57
N SER B 196 -23.72 -3.99 15.91
CA SER B 196 -23.80 -4.39 17.30
C SER B 196 -22.48 -4.98 17.77
N CYS B 197 -21.86 -5.77 16.90
CA CYS B 197 -20.63 -6.47 17.25
C CYS B 197 -19.53 -5.48 17.51
N LEU B 198 -19.57 -4.38 16.80
CA LEU B 198 -18.69 -3.26 17.06
C LEU B 198 -19.14 -2.48 18.26
N GLU B 199 -20.43 -2.52 18.59
CA GLU B 199 -20.81 -1.90 19.85
C GLU B 199 -20.36 -2.81 20.99
N LYS B 200 -20.56 -4.13 20.83
CA LYS B 200 -20.12 -5.08 21.85
C LYS B 200 -18.62 -4.98 22.05
N ALA B 201 -17.87 -4.86 20.96
CA ALA B 201 -16.42 -4.74 21.08
C ALA B 201 -16.02 -3.45 21.77
N LEU B 202 -16.85 -2.43 21.71
CA LEU B 202 -16.49 -1.23 22.43
C LEU B 202 -16.52 -1.46 23.92
N GLN B 203 -17.50 -2.21 24.41
CA GLN B 203 -17.65 -2.37 25.86
C GLN B 203 -16.48 -3.17 26.41
N VAL B 204 -15.94 -4.06 25.58
CA VAL B 204 -14.80 -4.88 25.94
C VAL B 204 -13.53 -4.05 26.04
N PHE B 205 -13.41 -3.03 25.22
CA PHE B 205 -12.30 -2.13 25.32
C PHE B 205 -12.32 -1.38 26.63
N HIS B 206 -13.50 -1.26 27.28
CA HIS B 206 -13.61 -0.57 28.56
C HIS B 206 -12.80 -1.28 29.63
N GLN B 207 -12.53 -2.58 29.47
CA GLN B 207 -11.81 -3.37 30.46
C GLN B 207 -10.40 -2.92 30.64
N ILE B 208 -9.90 -2.10 29.75
CA ILE B 208 -8.52 -1.69 29.82
C ILE B 208 -8.22 -1.04 31.15
N HIS B 209 -9.20 -0.34 31.73
CA HIS B 209 -8.92 0.49 32.88
C HIS B 209 -8.68 -0.34 34.12
N ASP B 210 -9.27 -1.53 34.12
CA ASP B 210 -9.21 -2.45 35.23
C ASP B 210 -7.90 -3.21 35.30
N HIS B 211 -7.13 -3.19 34.23
CA HIS B 211 -6.02 -4.12 34.10
C HIS B 211 -4.73 -3.43 33.62
N VAL B 212 -4.74 -2.09 33.53
CA VAL B 212 -3.53 -1.33 33.21
C VAL B 212 -3.45 -0.10 34.13
N ASN B 213 -2.25 0.25 34.52
CA ASN B 213 -2.08 1.44 35.28
C ASN B 213 -1.34 2.44 34.42
N PRO B 214 -1.70 3.72 34.48
CA PRO B 214 -1.00 4.68 33.63
C PRO B 214 0.48 4.66 33.88
N LYS B 215 0.88 4.63 35.16
CA LYS B 215 2.28 4.74 35.49
C LYS B 215 3.09 3.63 34.82
N ALA B 216 2.62 2.39 34.96
CA ALA B 216 3.40 1.24 34.49
C ALA B 216 3.53 1.20 32.97
N PHE B 217 2.44 1.48 32.25
CA PHE B 217 2.44 1.40 30.80
C PHE B 217 3.36 2.44 30.18
N PHE B 218 3.38 3.65 30.73
CA PHE B 218 4.14 4.70 30.10
C PHE B 218 5.63 4.51 30.29
N SER B 219 6.05 4.04 31.47
CA SER B 219 7.45 4.04 31.84
C SER B 219 8.19 2.79 31.43
N VAL B 220 7.45 1.72 31.22
CA VAL B 220 8.02 0.40 31.06
C VAL B 220 7.56 -0.14 29.72
N LEU B 221 6.30 -0.52 29.66
CA LEU B 221 5.85 -1.35 28.54
C LEU B 221 5.87 -0.65 27.19
N ARG B 222 5.64 0.66 27.14
CA ARG B 222 5.75 1.36 25.87
C ARG B 222 7.17 1.28 25.35
N ILE B 223 8.15 1.35 26.26
CA ILE B 223 9.57 1.37 25.92
C ILE B 223 9.94 0.14 25.12
N TYR B 224 9.45 -1.06 25.53
CA TYR B 224 9.80 -2.32 24.88
C TYR B 224 8.94 -2.57 23.69
N LEU B 225 8.04 -1.65 23.40
CA LEU B 225 7.35 -1.72 22.15
C LEU B 225 7.84 -0.65 21.22
N SER B 226 8.86 0.11 21.62
CA SER B 226 9.46 1.04 20.69
C SER B 226 10.28 0.32 19.65
N GLY B 227 10.29 0.88 18.44
CA GLY B 227 11.11 0.37 17.37
C GLY B 227 12.16 1.36 16.90
N TRP B 228 12.70 1.15 15.70
CA TRP B 228 13.88 1.91 15.24
C TRP B 228 13.61 2.40 13.81
N LYS B 229 12.45 3.05 13.62
CA LYS B 229 12.09 3.73 12.38
C LYS B 229 11.77 5.15 12.76
N GLY B 230 12.60 6.07 12.32
CA GLY B 230 12.35 7.42 12.77
C GLY B 230 12.56 7.58 14.25
N ASN B 231 13.34 6.75 14.81
CA ASN B 231 13.61 6.86 16.23
C ASN B 231 14.99 7.46 16.46
N PRO B 232 15.08 8.54 17.24
CA PRO B 232 16.39 9.14 17.53
C PRO B 232 17.39 8.19 18.15
N GLN B 233 16.96 7.25 19.00
CA GLN B 233 17.91 6.40 19.68
C GLN B 233 18.50 5.34 18.78
N LEU B 234 17.93 5.12 17.60
CA LEU B 234 18.50 4.20 16.64
C LEU B 234 18.38 4.83 15.25
N SER B 235 19.01 6.00 15.12
CA SER B 235 18.78 6.87 13.98
C SER B 235 18.77 6.10 12.67
N ASP B 236 19.75 5.22 12.46
CA ASP B 236 19.86 4.53 11.19
C ASP B 236 19.26 3.15 11.23
N GLY B 237 18.64 2.80 12.34
CA GLY B 237 18.07 1.51 12.50
C GLY B 237 19.00 0.58 13.25
N LEU B 238 18.68 -0.69 13.14
CA LEU B 238 19.44 -1.72 13.80
C LEU B 238 20.19 -2.47 12.73
N VAL B 239 21.49 -2.63 12.91
CA VAL B 239 22.22 -3.52 12.02
C VAL B 239 22.01 -4.94 12.52
N TYR B 240 21.51 -5.79 11.63
CA TYR B 240 21.31 -7.21 11.94
C TYR B 240 22.61 -7.93 11.57
N GLU B 241 23.50 -8.03 12.56
CA GLU B 241 24.86 -8.44 12.32
C GLU B 241 24.94 -9.67 11.45
N GLY B 242 25.71 -9.56 10.38
CA GLY B 242 26.02 -10.66 9.52
C GLY B 242 24.98 -10.96 8.48
N PHE B 243 23.78 -10.40 8.62
CA PHE B 243 22.73 -10.54 7.63
C PHE B 243 22.65 -9.33 6.70
N TRP B 244 22.70 -8.13 7.24
CA TRP B 244 22.86 -6.95 6.41
C TRP B 244 24.09 -6.21 6.85
N GLU B 245 24.85 -5.75 5.86
CA GLU B 245 25.93 -4.85 6.19
C GLU B 245 25.33 -3.56 6.69
N ASP B 246 24.26 -3.25 6.22
CA ASP B 246 23.47 -2.04 6.30
C ASP B 246 22.56 -2.07 7.52
N PRO B 247 22.42 -0.98 8.28
CA PRO B 247 21.40 -0.97 9.32
C PRO B 247 20.03 -0.72 8.72
N LYS B 248 19.05 -1.48 9.18
CA LYS B 248 17.72 -1.42 8.59
C LYS B 248 16.71 -0.91 9.61
N GLU B 249 15.83 0.01 9.14
CA GLU B 249 14.81 0.67 9.96
C GLU B 249 13.46 -0.03 9.91
N PHE B 250 12.91 -0.32 11.08
CA PHE B 250 11.60 -0.98 11.18
C PHE B 250 10.81 -0.38 12.33
N ALA B 251 9.50 -0.26 12.13
CA ALA B 251 8.65 0.45 13.05
C ALA B 251 8.28 -0.35 14.31
N GLY B 252 8.15 0.37 15.43
CA GLY B 252 7.54 -0.23 16.59
C GLY B 252 6.08 -0.58 16.38
N GLY B 253 5.62 -1.55 17.15
CA GLY B 253 4.23 -1.94 17.11
C GLY B 253 3.31 -0.79 17.47
N SER B 254 2.15 -0.83 16.85
CA SER B 254 1.11 0.17 17.04
C SER B 254 -0.23 -0.44 16.66
N ALA B 255 -1.28 0.27 17.03
CA ALA B 255 -2.59 -0.25 16.71
C ALA B 255 -2.77 -0.48 15.23
N GLY B 256 -2.03 0.24 14.38
CA GLY B 256 -2.22 0.10 12.95
C GLY B 256 -1.91 -1.27 12.39
N GLN B 257 -1.21 -2.10 13.12
CA GLN B 257 -0.96 -3.44 12.61
C GLN B 257 -2.16 -4.38 12.85
N SER B 258 -3.17 -3.95 13.65
CA SER B 258 -4.36 -4.78 13.84
C SER B 258 -5.12 -4.90 12.51
N SER B 259 -5.33 -6.13 12.05
CA SER B 259 -6.16 -6.29 10.88
C SER B 259 -7.54 -5.68 11.11
N VAL B 260 -8.04 -5.82 12.35
CA VAL B 260 -9.37 -5.37 12.74
C VAL B 260 -9.50 -3.84 12.63
N PHE B 261 -8.42 -3.13 12.89
CA PHE B 261 -8.47 -1.69 12.89
C PHE B 261 -8.65 -1.12 11.51
N GLN B 262 -8.40 -1.93 10.50
CA GLN B 262 -8.43 -1.49 9.14
C GLN B 262 -9.59 -2.10 8.36
N CYS B 263 -10.02 -3.29 8.73
CA CYS B 263 -10.89 -4.02 7.82
C CYS B 263 -12.30 -3.42 7.76
N PHE B 264 -12.72 -2.69 8.76
CA PHE B 264 -14.08 -2.16 8.65
C PHE B 264 -14.10 -0.87 7.87
N ASP B 265 -13.09 -0.01 8.06
CA ASP B 265 -12.90 1.12 7.19
C ASP B 265 -12.95 0.66 5.73
N VAL B 266 -12.29 -0.45 5.43
CA VAL B 266 -12.27 -0.93 4.06
C VAL B 266 -13.59 -1.51 3.67
N LEU B 267 -14.17 -2.32 4.55
CA LEU B 267 -15.46 -2.85 4.21
C LEU B 267 -16.42 -1.71 3.87
N LEU B 268 -16.45 -0.67 4.72
CA LEU B 268 -17.42 0.41 4.61
C LEU B 268 -17.02 1.46 3.60
N GLY B 269 -15.93 1.25 2.91
CA GLY B 269 -15.61 2.23 1.91
C GLY B 269 -15.09 3.54 2.45
N ILE B 270 -14.43 3.48 3.57
CA ILE B 270 -13.76 4.66 4.11
C ILE B 270 -12.33 4.60 3.59
N GLN B 271 -12.01 5.55 2.75
CA GLN B 271 -10.72 5.57 2.10
C GLN B 271 -9.74 6.13 3.12
N GLN B 272 -9.45 5.30 4.12
CA GLN B 272 -8.43 5.72 5.08
C GLN B 272 -7.07 5.79 4.42
N THR B 273 -6.89 5.11 3.32
CA THR B 273 -5.61 5.08 2.65
C THR B 273 -5.51 6.13 1.55
N ALA B 274 -6.54 6.92 1.36
CA ALA B 274 -6.53 7.95 0.35
C ALA B 274 -6.02 9.29 0.87
N GLY B 275 -5.78 10.21 -0.07
CA GLY B 275 -5.40 11.56 0.21
C GLY B 275 -3.93 11.87 0.24
N GLY B 276 -3.09 10.93 0.65
CA GLY B 276 -1.65 11.13 0.63
C GLY B 276 -1.08 11.76 1.89
N GLY B 277 -1.86 11.78 2.98
CA GLY B 277 -1.40 12.32 4.24
C GLY B 277 -0.42 11.42 5.00
N HIS B 278 0.19 11.98 6.04
CA HIS B 278 1.08 11.15 6.85
C HIS B 278 0.32 9.94 7.35
N ALA B 279 -0.89 10.15 7.79
CA ALA B 279 -1.61 9.01 8.30
C ALA B 279 -1.94 8.04 7.22
N ALA B 280 -2.12 8.52 5.99
CA ALA B 280 -2.50 7.64 4.90
C ALA B 280 -1.34 6.71 4.55
N GLN B 281 -0.08 7.18 4.53
CA GLN B 281 1.03 6.31 4.24
C GLN B 281 1.18 5.25 5.32
N PHE B 282 0.93 5.64 6.57
CA PHE B 282 1.26 4.77 7.69
C PHE B 282 0.46 3.49 7.69
N LEU B 283 -0.81 3.62 7.38
CA LEU B 283 -1.68 2.46 7.35
C LEU B 283 -1.33 1.52 6.21
N GLN B 284 -0.85 2.05 5.08
CA GLN B 284 -0.44 1.18 4.00
C GLN B 284 0.86 0.48 4.37
N ASP B 285 1.78 1.25 4.96
CA ASP B 285 3.07 0.72 5.37
C ASP B 285 2.92 -0.31 6.47
N MET B 286 2.07 -0.05 7.46
CA MET B 286 1.89 -1.07 8.46
C MET B 286 1.19 -2.27 7.89
N ARG B 287 0.64 -2.21 6.69
CA ARG B 287 0.03 -3.41 6.13
C ARG B 287 1.03 -4.50 5.83
N ARG B 288 2.28 -4.10 5.56
CA ARG B 288 3.38 -5.00 5.30
C ARG B 288 3.83 -5.66 6.60
N TYR B 289 3.31 -5.19 7.76
CA TYR B 289 3.66 -5.69 9.08
C TYR B 289 2.64 -6.66 9.62
N MET B 290 1.68 -7.03 8.83
CA MET B 290 0.72 -8.05 9.19
C MET B 290 1.09 -9.40 8.59
N PRO B 291 0.53 -10.50 9.07
CA PRO B 291 0.72 -11.76 8.38
C PRO B 291 0.39 -11.56 6.92
N PRO B 292 1.10 -12.22 6.02
CA PRO B 292 0.80 -12.03 4.62
C PRO B 292 -0.64 -12.42 4.32
N ALA B 293 -1.14 -13.52 4.91
CA ALA B 293 -2.52 -13.93 4.65
C ALA B 293 -3.49 -12.81 4.97
N HIS B 294 -3.22 -12.09 6.04
CA HIS B 294 -4.14 -11.06 6.47
C HIS B 294 -3.94 -9.81 5.64
N ARG B 295 -2.73 -9.58 5.16
CA ARG B 295 -2.59 -8.45 4.25
C ARG B 295 -3.36 -8.74 2.97
N ASN B 296 -3.45 -10.03 2.58
CA ASN B 296 -4.19 -10.47 1.40
C ASN B 296 -5.69 -10.40 1.62
N PHE B 297 -6.13 -10.61 2.85
CA PHE B 297 -7.55 -10.46 3.09
C PHE B 297 -7.99 -9.05 2.84
N LEU B 298 -7.26 -8.08 3.41
CA LEU B 298 -7.63 -6.69 3.22
C LEU B 298 -7.68 -6.40 1.74
N CYS B 299 -6.75 -7.00 1.01
CA CYS B 299 -6.67 -6.72 -0.39
C CYS B 299 -7.95 -7.18 -1.12
N SER B 300 -8.46 -8.37 -0.77
CA SER B 300 -9.67 -8.86 -1.39
C SER B 300 -10.87 -8.07 -0.95
N LEU B 301 -10.79 -7.39 0.17
CA LEU B 301 -11.88 -6.51 0.54
C LEU B 301 -11.95 -5.28 -0.34
N GLU B 302 -10.85 -4.57 -0.47
CA GLU B 302 -10.93 -3.41 -1.35
C GLU B 302 -11.35 -3.83 -2.76
N SER B 303 -11.08 -5.08 -3.15
CA SER B 303 -11.36 -5.51 -4.49
C SER B 303 -12.85 -5.71 -4.65
N ASN B 304 -13.53 -6.07 -3.60
CA ASN B 304 -14.95 -6.19 -3.78
C ASN B 304 -15.56 -4.80 -3.98
N PRO B 305 -16.70 -4.73 -4.65
CA PRO B 305 -17.31 -3.43 -4.92
C PRO B 305 -17.87 -2.76 -3.68
N SER B 306 -17.91 -1.42 -3.74
CA SER B 306 -18.12 -0.58 -2.56
C SER B 306 -19.52 -0.76 -1.98
N VAL B 307 -19.55 -0.96 -0.67
CA VAL B 307 -20.81 -0.95 0.06
C VAL B 307 -21.35 0.49 0.15
N ARG B 308 -20.45 1.46 0.36
CA ARG B 308 -20.86 2.87 0.41
C ARG B 308 -21.51 3.27 -0.92
N GLU B 309 -20.87 2.95 -2.04
CA GLU B 309 -21.41 3.35 -3.33
C GLU B 309 -22.77 2.70 -3.61
N PHE B 310 -22.93 1.45 -3.22
CA PHE B 310 -24.21 0.77 -3.41
C PHE B 310 -25.28 1.37 -2.53
N VAL B 311 -24.97 1.64 -1.25
CA VAL B 311 -26.02 2.07 -0.34
C VAL B 311 -26.52 3.43 -0.75
N LEU B 312 -25.62 4.30 -1.14
CA LEU B 312 -26.05 5.60 -1.57
C LEU B 312 -26.93 5.51 -2.81
N SER B 313 -26.66 4.52 -3.66
CA SER B 313 -27.30 4.47 -4.94
C SER B 313 -28.74 4.02 -4.85
N LYS B 314 -29.14 3.38 -3.76
CA LYS B 314 -30.45 2.76 -3.67
C LYS B 314 -31.54 3.73 -3.22
N GLY B 315 -31.16 4.91 -2.72
CA GLY B 315 -32.12 5.90 -2.26
C GLY B 315 -32.94 5.42 -1.08
N ASP B 316 -32.34 4.62 -0.18
CA ASP B 316 -33.04 3.89 0.88
C ASP B 316 -32.59 4.44 2.24
N ALA B 317 -33.47 5.17 2.93
CA ALA B 317 -33.11 5.73 4.22
C ALA B 317 -32.83 4.62 5.22
N GLY B 318 -33.50 3.50 5.08
CA GLY B 318 -33.21 2.38 5.96
C GLY B 318 -31.81 1.83 5.75
N LEU B 319 -31.43 1.61 4.48
CA LEU B 319 -30.05 1.17 4.26
C LEU B 319 -29.10 2.24 4.71
N ARG B 320 -29.44 3.50 4.53
CA ARG B 320 -28.50 4.50 4.96
C ARG B 320 -28.36 4.47 6.47
N GLU B 321 -29.46 4.34 7.21
CA GLU B 321 -29.37 4.36 8.67
C GLU B 321 -28.55 3.18 9.22
N ALA B 322 -28.66 2.00 8.61
CA ALA B 322 -27.90 0.84 9.09
C ALA B 322 -26.43 0.98 8.77
N TYR B 323 -26.12 1.49 7.59
CA TYR B 323 -24.74 1.81 7.27
C TYR B 323 -24.18 2.82 8.25
N ASP B 324 -24.95 3.87 8.55
CA ASP B 324 -24.53 4.91 9.48
C ASP B 324 -24.23 4.35 10.86
N ALA B 325 -24.95 3.31 11.25
CA ALA B 325 -24.79 2.75 12.57
C ALA B 325 -23.40 2.13 12.70
N CYS B 326 -22.97 1.40 11.67
CA CYS B 326 -21.62 0.85 11.69
C CYS B 326 -20.59 1.97 11.69
N VAL B 327 -20.86 3.07 10.99
CA VAL B 327 -19.95 4.20 11.08
C VAL B 327 -19.96 4.76 12.49
N LYS B 328 -21.15 4.81 13.10
CA LYS B 328 -21.30 5.34 14.45
C LYS B 328 -20.50 4.52 15.43
N ALA B 329 -20.51 3.19 15.26
CA ALA B 329 -19.73 2.31 16.14
C ALA B 329 -18.24 2.55 15.98
N LEU B 330 -17.75 2.73 14.77
CA LEU B 330 -16.33 2.96 14.62
C LEU B 330 -15.89 4.25 15.27
N VAL B 331 -16.65 5.33 15.08
CA VAL B 331 -16.22 6.58 15.68
C VAL B 331 -16.13 6.44 17.20
N SER B 332 -17.03 5.65 17.80
CA SER B 332 -17.01 5.45 19.25
C SER B 332 -15.68 4.84 19.66
N LEU B 333 -15.21 3.88 18.86
CA LEU B 333 -13.96 3.19 19.12
C LEU B 333 -12.77 4.08 18.86
N ARG B 334 -12.83 4.93 17.91
CA ARG B 334 -11.68 5.80 17.76
C ARG B 334 -11.61 6.81 18.88
N SER B 335 -12.76 7.22 19.41
CA SER B 335 -12.76 8.21 20.49
C SER B 335 -12.37 7.57 21.83
N TYR B 336 -12.81 6.32 22.09
CA TYR B 336 -12.41 5.72 23.34
C TYR B 336 -10.90 5.51 23.35
N HIS B 337 -10.35 5.10 22.20
CA HIS B 337 -8.92 4.97 22.08
C HIS B 337 -8.24 6.28 22.45
N LEU B 338 -8.69 7.36 21.86
CA LEU B 338 -8.13 8.65 22.19
C LEU B 338 -8.30 8.95 23.67
N GLN B 339 -9.39 8.52 24.29
CA GLN B 339 -9.46 8.78 25.70
C GLN B 339 -8.35 8.02 26.40
N ILE B 340 -8.13 6.77 25.97
CA ILE B 340 -7.13 5.88 26.60
C ILE B 340 -5.73 6.47 26.48
N VAL B 341 -5.36 6.90 25.28
CA VAL B 341 -4.07 7.54 25.05
C VAL B 341 -3.91 8.82 25.85
N THR B 342 -5.00 9.48 26.22
CA THR B 342 -4.90 10.62 27.10
C THR B 342 -4.52 10.15 28.50
N LYS B 343 -5.21 9.10 28.99
CA LYS B 343 -4.96 8.60 30.34
C LYS B 343 -3.58 7.95 30.39
N TYR B 344 -3.21 7.21 29.34
CA TYR B 344 -2.04 6.35 29.47
C TYR B 344 -0.78 6.88 28.79
N ILE B 345 -0.84 7.97 28.03
CA ILE B 345 0.42 8.52 27.48
C ILE B 345 0.45 10.01 27.78
N LEU B 346 -0.57 10.77 27.38
CA LEU B 346 -0.39 12.21 27.37
C LEU B 346 -0.29 12.77 28.78
N ILE B 347 -1.10 12.28 29.71
CA ILE B 347 -1.07 12.85 31.05
C ILE B 347 0.21 12.39 31.70
N PRO B 348 0.47 11.08 31.78
CA PRO B 348 1.77 10.64 32.31
C PRO B 348 2.96 11.35 31.71
N ALA B 349 2.96 11.62 30.41
CA ALA B 349 4.11 12.27 29.81
C ALA B 349 4.31 13.67 30.37
N SER B 350 3.24 14.32 30.80
CA SER B 350 3.43 15.64 31.37
C SER B 350 3.99 15.59 32.78
N GLN B 351 3.98 14.42 33.42
CA GLN B 351 4.42 14.19 34.80
C GLN B 351 5.81 13.53 34.87
N GLN B 352 6.66 13.74 33.87
CA GLN B 352 8.03 13.18 33.87
C GLN B 352 9.02 14.18 34.47
N GLY B 372 5.25 10.67 23.17
CA GLY B 372 4.33 9.98 22.29
C GLY B 372 3.21 10.89 21.77
N THR B 373 3.63 11.97 21.15
CA THR B 373 2.63 12.95 20.73
C THR B 373 2.15 12.74 19.30
N ASP B 374 3.03 12.25 18.43
CA ASP B 374 2.69 12.02 17.03
C ASP B 374 1.57 11.02 16.90
N LEU B 375 1.45 10.12 17.89
CA LEU B 375 0.39 9.11 17.91
C LEU B 375 -0.96 9.77 18.04
N MET B 376 -1.03 10.82 18.85
CA MET B 376 -2.30 11.47 19.07
C MET B 376 -2.80 12.05 17.77
N ASN B 377 -1.92 12.71 17.04
CA ASN B 377 -2.35 13.25 15.76
C ASN B 377 -2.84 12.13 14.88
N PHE B 378 -2.04 11.08 14.76
CA PHE B 378 -2.43 10.02 13.87
C PHE B 378 -3.86 9.57 14.12
N LEU B 379 -4.25 9.38 15.37
CA LEU B 379 -5.56 8.80 15.61
C LEU B 379 -6.67 9.79 15.27
N LYS B 380 -6.43 11.09 15.48
CA LYS B 380 -7.44 12.11 15.18
C LYS B 380 -7.80 12.19 13.70
N THR B 381 -6.79 12.14 12.82
CA THR B 381 -7.05 12.17 11.40
C THR B 381 -7.92 10.99 11.04
N VAL B 382 -7.54 9.83 11.53
CA VAL B 382 -8.32 8.65 11.20
C VAL B 382 -9.73 8.77 11.77
N ARG B 383 -9.85 9.44 12.92
CA ARG B 383 -11.19 9.53 13.47
C ARG B 383 -12.01 10.45 12.61
N SER B 384 -11.43 11.57 12.25
CA SER B 384 -12.18 12.54 11.47
C SER B 384 -12.58 11.99 10.10
N THR B 385 -11.78 11.07 9.55
CA THR B 385 -12.12 10.49 8.26
C THR B 385 -13.27 9.50 8.41
N THR B 386 -13.32 8.82 9.53
CA THR B 386 -14.47 7.98 9.79
C THR B 386 -15.71 8.84 9.94
N GLU B 387 -15.59 9.94 10.68
CA GLU B 387 -16.74 10.80 10.88
C GLU B 387 -17.24 11.32 9.55
N LYS B 388 -16.34 11.72 8.66
CA LYS B 388 -16.83 12.36 7.41
C LYS B 388 -17.53 11.38 6.47
N SER B 389 -17.59 10.11 6.79
CA SER B 389 -18.15 9.08 5.92
C SER B 389 -19.61 8.76 6.22
N LEU B 390 -20.24 9.55 7.06
CA LEU B 390 -21.68 9.47 7.31
C LEU B 390 -22.45 10.09 6.13
N LEU B 391 -23.75 9.80 6.06
CA LEU B 391 -24.57 10.17 4.91
C LEU B 391 -25.56 11.27 5.22
N LYS B 392 -26.64 10.99 5.94
CA LYS B 392 -27.70 11.97 6.19
C LYS B 392 -27.50 12.63 7.54
C13 C51 C . 5.80 7.73 -19.02
C18 C51 C . 6.01 7.90 -17.66
C17 C51 C . 5.33 8.88 -16.97
C16 C51 C . 4.45 9.72 -17.66
C15 C51 C . 4.24 9.54 -19.01
C19 C51 C . 3.73 10.76 -16.94
C21 C51 C . 10.42 0.96 -18.65
C22 C51 C . 11.22 0.20 -17.83
C24 C51 C . 9.74 -1.53 -17.82
C27 C51 C . 8.18 -3.36 -17.73
C1 C51 C . 7.05 4.04 -20.50
C2 C51 C . 6.76 3.49 -19.14
C3 C51 C . 7.92 2.61 -18.65
C4 C51 C . 8.17 1.44 -19.60
C5 C51 C . 8.58 2.05 -20.88
C6 C51 C . 7.43 2.89 -21.43
C7 C51 C . 9.21 0.49 -19.04
C8 C51 C . 8.15 5.12 -20.35
C9 C51 C . 8.60 5.70 -21.69
C10 C51 C . 7.70 6.27 -19.47
N11 C51 C . 6.47 6.70 -19.72
O12 C51 C . 8.44 6.76 -18.60
C14 C51 C . 4.91 8.56 -19.69
N20 C51 C . 3.17 11.59 -16.41
N23 C51 C . 10.92 -1.00 -17.39
C25 C51 C . 8.86 -0.84 -18.67
C26 C51 C . 9.38 -2.81 -17.34
C28 C51 C . 7.34 -2.69 -18.56
C29 C51 C . 7.65 -1.48 -19.04
H48 C51 C . 6.71 7.26 -17.11
H47 C51 C . 5.51 9.00 -15.91
H46 C51 C . 3.55 10.19 -19.54
H49 C51 C . 10.77 1.95 -18.97
H50 C51 C . 12.19 0.57 -17.50
H52 C51 C . 7.90 -4.35 -17.36
H30 C51 C . 6.15 4.52 -20.89
H32 C51 C . 6.58 4.30 -18.45
H31 C51 C . 5.83 2.91 -19.15
H34 C51 C . 8.83 3.21 -18.55
H33 C51 C . 7.74 2.25 -17.64
H35 C51 C . 7.23 0.91 -19.74
H36 C51 C . 8.90 1.30 -21.60
H37 C51 C . 9.46 2.67 -20.73
H38 C51 C . 6.59 2.25 -21.64
H39 C51 C . 7.70 3.29 -22.40
H40 C51 C . 9.02 4.62 -19.93
H43 C51 C . 7.79 6.19 -22.22
H42 C51 C . 9.02 4.94 -22.35
H41 C51 C . 9.37 6.45 -21.55
H44 C51 C . 5.94 6.29 -20.49
H45 C51 C . 4.71 8.48 -20.76
H51 C51 C . 10.05 -3.33 -16.66
H53 C51 C . 6.40 -3.15 -18.86
H54 C51 C . 6.97 -0.95 -19.72
C13 C51 D . -1.87 -2.63 20.64
C18 C51 D . -1.36 -3.85 21.04
C17 C51 D . -0.03 -4.13 20.84
C16 C51 D . 0.81 -3.20 20.25
C15 C51 D . 0.29 -1.98 19.89
C19 C51 D . 2.16 -3.55 19.95
C21 C51 D . -8.56 0.86 18.59
C22 C51 D . -9.17 1.92 17.95
C24 C51 D . -10.46 0.55 16.68
C27 C51 D . -11.73 -0.84 15.19
C1 C51 D . -6.04 -2.58 20.67
C2 C51 D . -5.95 -2.69 19.16
C3 C51 D . -6.75 -1.59 18.48
C4 C51 D . -8.20 -1.60 18.89
C5 C51 D . -8.32 -1.60 20.42
C6 C51 D . -7.49 -2.70 21.07
C7 C51 D . -8.92 -0.42 18.28
C8 C51 D . -5.35 -1.30 21.20
C9 C51 D . -5.40 -1.20 22.70
C10 C51 D . -3.90 -1.20 20.79
N11 C51 D . -3.24 -2.37 20.81
O12 C51 D . -3.39 -0.11 20.52
C14 C51 D . -1.04 -1.69 20.07
N20 C51 D . 3.24 -3.78 19.68
N23 C51 D . -10.08 1.82 17.02
C25 C51 D . -9.93 -0.60 17.29
C26 C51 D . -11.37 0.40 15.61
C28 C51 D . -11.26 -1.96 15.80
C29 C51 D . -10.37 -1.86 16.84
H48 C51 D . -1.99 -4.61 21.49
H47 C51 D . 0.37 -5.11 21.15
H46 C51 D . 0.96 -1.23 19.45
H49 C51 D . -7.81 1.06 19.34
H50 C51 D . -8.90 2.95 18.20
H52 C51 D . -12.43 -0.95 14.36
H30 C51 D . -5.51 -3.43 21.09
H32 C51 D . -4.91 -2.66 18.84
H31 C51 D . -6.31 -3.66 18.81
H34 C51 D . -6.30 -0.62 18.72
H33 C51 D . -6.65 -1.66 17.39
H35 C51 D . -8.65 -2.51 18.52
H36 C51 D . -8.05 -0.63 20.83
H37 C51 D . -9.37 -1.72 20.71
H38 C51 D . -7.62 -2.69 22.14
H39 C51 D . -7.88 -3.67 20.76
H40 C51 D . -5.92 -0.46 20.81
H43 C51 D . -6.42 -1.18 23.08
H42 C51 D . -4.90 -0.30 23.06
H41 C51 D . -4.90 -2.04 23.17
H44 C51 D . -3.79 -3.22 20.97
H45 C51 D . -1.38 -0.71 19.76
H51 C51 D . -11.77 1.29 15.14
H53 C51 D . -11.58 -2.94 15.46
H54 C51 D . -9.98 -2.75 17.33
#